data_6QCN
#
_entry.id   6QCN
#
_cell.length_a   78.214
_cell.length_b   78.302
_cell.length_c   114.528
_cell.angle_alpha   90.00
_cell.angle_beta   90.00
_cell.angle_gamma   90.00
#
_symmetry.space_group_name_H-M   'P 21 21 21'
#
loop_
_entity.id
_entity.type
_entity.pdbx_description
1 polymer 'NAD-dependent protein deacetylase sirtuin-2'
2 non-polymer 'ZINC ION'
3 non-polymer '[(2R,3S,4R,5R)-5-(6-AMINOPURIN-9-YL)-3,4-DIHYDROXY-OXOLAN-2-YL]METHYL [HYDROXY-[[(2R,3S,4R,5S)-3,4,5-TRIHYDROXYOXOLAN-2-YL]METHOXY]PHOSPHORYL] HYDROGEN PHOSPHATE'
4 non-polymer "3,5,7,3',4'-PENTAHYDROXYFLAVONE"
5 water water
#
_entity_poly.entity_id   1
_entity_poly.type   'polypeptide(L)'
_entity_poly.pdbx_seq_one_letter_code
;HMKERLLDELTLEGVARYMQSERCRRVICLVGAGISTSAGIPDFRSPSTGLYDNLEKYHLPYPEAIFEISYFKKHPEPFF
ALAKELYPGQFKPTICHYFMRLLKDKGLLLRCYTQNIDTLERIAGLEQEDLVEAHGTFYTSHCVSASCRHEYPLSWMKEK
IFSEVTPKCEDCQSLVKPDIVFFGESLPARFFSCMQSDFLKVDLLLVMGTSLQVQPFASLISKAPLSTPRLLINKEKAGQ
SDPFLGMIMGLGGGMDFDSKKAYRDVAWLGECDQGCLALAELLGWKKELEDLVRREHASIDAQS
;
_entity_poly.pdbx_strand_id   A,B
#
loop_
_chem_comp.id
_chem_comp.type
_chem_comp.name
_chem_comp.formula
AR6 non-polymer '[(2R,3S,4R,5R)-5-(6-AMINOPURIN-9-YL)-3,4-DIHYDROXY-OXOLAN-2-YL]METHYL [HYDROXY-[[(2R,3S,4R,5S)-3,4,5-TRIHYDROXYOXOLAN-2-YL]METHOXY]PHOSPHORYL] HYDROGEN PHOSPHATE' 'C15 H23 N5 O14 P2'
QUE non-polymer 3,5,7,3',4'-PENTAHYDROXYFLAVONE 'C15 H10 O7'
ZN non-polymer 'ZINC ION' 'Zn 2'
#
# COMPACT_ATOMS: atom_id res chain seq x y z
N ARG A 5 21.37 14.93 -15.10
CA ARG A 5 21.62 14.13 -13.86
C ARG A 5 22.51 14.93 -12.90
N LEU A 6 22.12 15.03 -11.62
CA LEU A 6 22.68 16.02 -10.63
C LEU A 6 23.85 15.44 -9.82
N LEU A 7 23.98 14.12 -9.74
CA LEU A 7 25.08 13.44 -9.01
C LEU A 7 26.14 13.01 -10.02
N ASP A 8 27.36 13.44 -9.75
CA ASP A 8 28.56 13.19 -10.57
C ASP A 8 28.84 11.68 -10.47
N GLU A 9 28.33 11.04 -9.40
CA GLU A 9 28.51 9.57 -9.14
C GLU A 9 27.72 9.08 -7.91
N LEU A 10 27.38 7.81 -7.92
CA LEU A 10 26.34 7.22 -7.05
C LEU A 10 27.03 6.66 -5.82
N THR A 11 27.58 7.56 -5.03
CA THR A 11 28.38 7.27 -3.82
C THR A 11 28.09 8.40 -2.87
N LEU A 12 28.44 8.21 -1.60
CA LEU A 12 28.34 9.20 -0.53
C LEU A 12 29.19 10.41 -0.91
N GLU A 13 30.32 10.22 -1.61
CA GLU A 13 31.29 11.34 -1.83
C GLU A 13 30.66 12.31 -2.82
N GLY A 14 29.82 11.78 -3.73
CA GLY A 14 29.19 12.56 -4.81
C GLY A 14 27.94 13.30 -4.33
N VAL A 15 27.34 12.83 -3.23
CA VAL A 15 26.21 13.49 -2.49
C VAL A 15 26.79 14.71 -1.78
N ALA A 16 27.96 14.60 -1.09
CA ALA A 16 28.62 15.72 -0.39
C ALA A 16 29.20 16.71 -1.42
N ARG A 17 29.63 16.25 -2.60
CA ARG A 17 30.00 17.14 -3.72
C ARG A 17 28.76 17.91 -4.08
N TYR A 18 27.59 17.24 -4.11
CA TYR A 18 26.32 17.92 -4.46
C TYR A 18 25.90 18.91 -3.37
N MET A 19 26.01 18.50 -2.11
CA MET A 19 25.55 19.38 -1.00
C MET A 19 26.35 20.68 -0.97
N GLN A 20 27.62 20.64 -1.32
CA GLN A 20 28.54 21.82 -1.32
C GLN A 20 28.12 22.80 -2.43
N SER A 21 27.68 22.25 -3.55
CA SER A 21 27.19 22.98 -4.73
C SER A 21 26.09 23.99 -4.36
N GLU A 22 26.02 25.02 -5.19
CA GLU A 22 24.97 26.04 -5.22
C GLU A 22 23.62 25.38 -5.44
N ARG A 23 23.58 24.22 -6.06
CA ARG A 23 22.33 23.66 -6.62
C ARG A 23 21.49 23.03 -5.49
N CYS A 24 22.08 22.91 -4.32
CA CYS A 24 21.53 22.20 -3.14
C CYS A 24 21.30 23.18 -2.01
N ARG A 25 20.06 23.67 -1.96
CA ARG A 25 19.57 24.79 -1.15
C ARG A 25 18.62 24.24 -0.07
N ARG A 26 17.87 23.18 -0.39
CA ARG A 26 16.68 22.74 0.38
C ARG A 26 16.68 21.22 0.52
N VAL A 27 16.89 20.74 1.76
CA VAL A 27 16.95 19.29 2.12
C VAL A 27 15.72 18.89 2.94
N ILE A 28 15.07 17.79 2.53
CA ILE A 28 13.99 17.18 3.34
C ILE A 28 14.52 15.89 3.94
N CYS A 29 14.58 15.82 5.25
CA CYS A 29 14.94 14.63 6.04
C CYS A 29 13.72 13.78 6.29
N LEU A 30 13.78 12.50 5.89
CA LEU A 30 12.65 11.55 6.08
C LEU A 30 13.12 10.53 7.09
N VAL A 31 12.63 10.50 8.34
CA VAL A 31 13.30 9.58 9.31
C VAL A 31 12.35 8.55 9.92
N GLY A 32 12.94 7.45 10.43
CA GLY A 32 12.20 6.42 11.16
C GLY A 32 12.94 5.93 12.38
N ALA A 33 12.37 4.88 12.98
CA ALA A 33 12.73 4.29 14.29
C ALA A 33 14.23 3.98 14.42
N GLY A 34 14.93 3.68 13.33
CA GLY A 34 16.36 3.35 13.41
C GLY A 34 17.21 4.57 13.73
N ILE A 35 16.73 5.81 13.60
CA ILE A 35 17.57 6.93 14.11
C ILE A 35 17.57 6.96 15.66
N SER A 36 16.70 6.22 16.35
CA SER A 36 16.61 6.19 17.84
C SER A 36 17.02 4.85 18.47
N THR A 37 17.68 3.90 17.76
CA THR A 37 18.17 2.62 18.39
C THR A 37 19.42 2.89 19.26
N SER A 38 20.33 3.74 18.79
CA SER A 38 21.67 3.94 19.39
C SER A 38 21.58 4.75 20.69
N ALA A 39 20.42 5.38 20.94
CA ALA A 39 20.10 6.16 22.14
C ALA A 39 19.29 5.34 23.14
N GLY A 40 19.08 4.04 22.85
CA GLY A 40 18.43 3.07 23.75
C GLY A 40 17.03 2.61 23.31
N ILE A 41 16.42 3.15 22.26
CA ILE A 41 15.00 2.81 21.94
C ILE A 41 14.95 1.86 20.74
N PRO A 42 14.50 0.60 20.99
CA PRO A 42 14.29 -0.37 19.91
C PRO A 42 13.24 0.08 18.88
N ASP A 43 13.43 -0.34 17.65
CA ASP A 43 12.56 -0.10 16.48
C ASP A 43 11.39 -1.13 16.45
N PHE A 44 10.64 -1.16 15.36
CA PHE A 44 9.50 -2.11 15.28
C PHE A 44 9.83 -3.39 14.55
N ARG A 45 10.46 -3.34 13.39
CA ARG A 45 10.50 -4.53 12.53
C ARG A 45 11.84 -5.26 12.55
N SER A 46 12.80 -4.90 13.37
CA SER A 46 14.05 -5.66 13.39
C SER A 46 13.74 -7.00 14.02
N PRO A 47 14.21 -8.14 13.49
CA PRO A 47 14.02 -9.41 14.18
C PRO A 47 14.59 -9.45 15.62
N SER A 48 13.84 -10.09 16.52
CA SER A 48 14.18 -10.41 17.94
C SER A 48 14.27 -9.17 18.84
N THR A 49 14.68 -8.00 18.35
CA THR A 49 14.88 -6.80 19.21
C THR A 49 13.72 -5.85 19.01
N GLY A 50 13.09 -5.96 17.84
CA GLY A 50 11.95 -5.12 17.45
C GLY A 50 10.77 -5.35 18.36
N LEU A 51 10.05 -4.28 18.61
CA LEU A 51 8.83 -4.22 19.45
C LEU A 51 7.82 -5.25 18.95
N TYR A 52 7.74 -5.48 17.65
CA TYR A 52 6.68 -6.33 17.05
C TYR A 52 6.92 -7.81 17.43
N ASP A 53 8.16 -8.17 17.75
CA ASP A 53 8.60 -9.55 18.12
C ASP A 53 8.58 -9.70 19.66
N ASN A 54 8.07 -8.71 20.38
CA ASN A 54 8.16 -8.62 21.86
C ASN A 54 6.77 -8.28 22.43
N LEU A 55 5.67 -8.75 21.81
CA LEU A 55 4.29 -8.47 22.29
C LEU A 55 3.51 -9.74 22.70
N GLU A 56 4.14 -10.90 22.65
CA GLU A 56 3.61 -12.20 23.16
C GLU A 56 2.65 -11.98 24.35
N LYS A 57 3.14 -11.35 25.42
CA LYS A 57 2.46 -11.23 26.74
C LYS A 57 1.04 -10.65 26.56
N TYR A 58 0.74 -10.01 25.41
CA TYR A 58 -0.59 -9.41 25.14
C TYR A 58 -1.47 -10.41 24.38
N HIS A 59 -0.87 -11.51 23.92
CA HIS A 59 -1.55 -12.63 23.23
C HIS A 59 -2.39 -12.00 22.12
N LEU A 60 -1.76 -11.12 21.33
CA LEU A 60 -2.34 -10.31 20.21
C LEU A 60 -2.46 -11.22 19.01
N PRO A 61 -3.52 -11.12 18.18
CA PRO A 61 -3.67 -12.07 17.08
C PRO A 61 -2.52 -11.87 16.08
N TYR A 62 -1.93 -10.65 16.08
CA TYR A 62 -0.71 -10.22 15.38
C TYR A 62 -0.30 -8.89 16.00
N PRO A 63 1.01 -8.56 15.95
CA PRO A 63 1.53 -7.42 16.71
C PRO A 63 0.99 -6.04 16.31
N GLU A 64 0.69 -5.76 15.03
CA GLU A 64 0.19 -4.41 14.65
C GLU A 64 -1.16 -4.11 15.34
N ALA A 65 -1.81 -5.11 15.90
CA ALA A 65 -3.12 -4.95 16.59
C ALA A 65 -3.02 -3.85 17.64
N ILE A 66 -1.96 -3.87 18.47
CA ILE A 66 -1.75 -2.94 19.61
C ILE A 66 -1.74 -1.48 19.13
N PHE A 67 -1.64 -1.23 17.83
CA PHE A 67 -1.64 0.16 17.31
C PHE A 67 -2.58 0.33 16.14
N GLU A 68 -3.69 -0.40 16.21
CA GLU A 68 -4.79 -0.37 15.22
C GLU A 68 -6.07 0.20 15.87
N ILE A 69 -6.75 1.14 15.23
CA ILE A 69 -7.93 1.82 15.82
C ILE A 69 -9.12 0.85 16.03
N SER A 70 -9.26 -0.27 15.33
CA SER A 70 -10.46 -1.13 15.55
C SER A 70 -10.17 -2.17 16.63
N TYR A 71 -8.98 -2.77 16.64
CA TYR A 71 -8.55 -3.69 17.73
C TYR A 71 -8.57 -2.91 19.04
N PHE A 72 -8.14 -1.65 18.99
CA PHE A 72 -8.01 -0.78 20.20
C PHE A 72 -9.37 -0.59 20.86
N LYS A 73 -10.40 -0.36 20.04
CA LYS A 73 -11.76 0.07 20.48
C LYS A 73 -12.43 -1.06 21.26
N LYS A 74 -12.01 -2.29 21.00
CA LYS A 74 -12.56 -3.55 21.55
C LYS A 74 -11.71 -4.05 22.74
N HIS A 75 -10.38 -3.93 22.65
CA HIS A 75 -9.39 -4.40 23.67
C HIS A 75 -8.36 -3.29 23.82
N PRO A 76 -8.67 -2.23 24.58
CA PRO A 76 -7.77 -1.08 24.74
C PRO A 76 -6.65 -1.22 25.78
N GLU A 77 -6.69 -2.30 26.57
CA GLU A 77 -5.86 -2.54 27.79
C GLU A 77 -4.43 -2.84 27.37
N PRO A 78 -4.20 -3.79 26.44
CA PRO A 78 -2.86 -3.99 25.89
C PRO A 78 -2.11 -2.69 25.61
N PHE A 79 -2.76 -1.69 25.02
CA PHE A 79 -2.04 -0.55 24.43
C PHE A 79 -1.60 0.34 25.60
N PHE A 80 -2.55 0.58 26.49
CA PHE A 80 -2.36 1.39 27.71
C PHE A 80 -1.28 0.74 28.60
N ALA A 81 -1.15 -0.59 28.59
CA ALA A 81 -0.13 -1.33 29.36
C ALA A 81 1.23 -0.89 28.82
N LEU A 82 1.42 -1.05 27.52
CA LEU A 82 2.66 -0.71 26.79
C LEU A 82 3.00 0.79 26.97
N ALA A 83 2.04 1.68 26.82
CA ALA A 83 2.29 3.15 26.85
C ALA A 83 3.07 3.58 28.10
N LYS A 84 2.84 2.97 29.27
CA LYS A 84 3.64 3.35 30.46
C LYS A 84 5.09 2.93 30.23
N GLU A 85 5.35 1.62 30.12
CA GLU A 85 6.62 0.97 29.68
C GLU A 85 7.15 1.65 28.43
N LEU A 86 6.27 2.19 27.62
CA LEU A 86 6.71 2.89 26.39
C LEU A 86 7.49 4.09 26.85
N TYR A 87 7.04 4.74 27.93
CA TYR A 87 7.65 6.04 28.25
C TYR A 87 8.26 6.06 29.65
N PRO A 88 9.51 5.55 29.78
CA PRO A 88 10.41 5.92 30.88
C PRO A 88 10.74 7.40 30.67
N GLY A 89 11.22 7.75 29.46
CA GLY A 89 11.47 9.14 29.02
C GLY A 89 12.90 9.62 29.24
N GLN A 90 13.82 8.75 29.63
CA GLN A 90 15.21 9.16 29.94
C GLN A 90 16.07 8.75 28.75
N PHE A 91 15.97 9.53 27.68
CA PHE A 91 16.67 9.23 26.40
C PHE A 91 17.21 10.53 25.78
N LYS A 92 18.45 10.47 25.34
CA LYS A 92 19.22 11.57 24.72
C LYS A 92 19.17 11.43 23.21
N PRO A 93 19.07 12.54 22.43
CA PRO A 93 19.07 12.45 20.98
C PRO A 93 20.46 11.93 20.58
N THR A 94 20.53 11.19 19.50
CA THR A 94 21.78 10.59 18.94
C THR A 94 22.55 11.59 18.07
N ILE A 95 23.71 11.18 17.61
CA ILE A 95 24.52 11.93 16.60
C ILE A 95 23.69 12.31 15.38
N CYS A 96 22.74 11.43 14.97
CA CYS A 96 21.96 11.50 13.71
C CYS A 96 20.97 12.66 13.77
N HIS A 97 20.40 12.88 14.97
CA HIS A 97 19.46 13.95 15.38
C HIS A 97 20.19 15.29 15.33
N TYR A 98 21.46 15.35 15.74
CA TYR A 98 22.20 16.64 15.76
C TYR A 98 22.57 17.04 14.33
N PHE A 99 22.83 16.04 13.51
CA PHE A 99 23.23 16.25 12.10
C PHE A 99 22.12 17.08 11.45
N MET A 100 20.88 16.73 11.76
CA MET A 100 19.67 17.40 11.24
C MET A 100 19.56 18.80 11.86
N ARG A 101 19.98 18.95 13.12
CA ARG A 101 20.13 20.24 13.83
C ARG A 101 21.20 21.11 13.14
N LEU A 102 22.25 20.48 12.65
CA LEU A 102 23.33 21.17 11.94
C LEU A 102 22.73 21.66 10.62
N LEU A 103 22.12 20.76 9.87
CA LEU A 103 21.42 21.17 8.62
C LEU A 103 20.61 22.45 8.86
N LYS A 104 19.91 22.51 9.98
CA LYS A 104 19.13 23.70 10.44
C LYS A 104 20.00 24.96 10.55
N ASP A 105 21.14 24.84 11.22
CA ASP A 105 22.16 25.87 11.52
C ASP A 105 22.88 26.31 10.23
N LYS A 106 23.04 25.38 9.26
CA LYS A 106 23.63 25.65 7.95
C LYS A 106 22.63 26.31 7.00
N GLY A 107 21.37 26.52 7.39
CA GLY A 107 20.30 27.06 6.53
C GLY A 107 19.92 26.06 5.41
N LEU A 108 20.22 24.78 5.62
CA LEU A 108 20.01 23.68 4.64
C LEU A 108 18.71 22.90 4.88
N LEU A 109 18.01 23.10 6.00
CA LEU A 109 16.88 22.17 6.35
C LEU A 109 15.46 22.71 6.06
N LEU A 110 14.81 22.30 4.95
CA LEU A 110 13.46 22.75 4.54
C LEU A 110 12.45 22.04 5.48
N ARG A 111 12.69 20.76 5.78
CA ARG A 111 11.89 20.02 6.76
C ARG A 111 12.52 18.70 7.14
N CYS A 112 12.11 18.22 8.31
CA CYS A 112 12.30 16.84 8.73
C CYS A 112 10.95 16.23 9.05
N TYR A 113 10.64 15.19 8.29
CA TYR A 113 9.38 14.46 8.42
C TYR A 113 9.74 13.27 9.27
N THR A 114 9.12 13.08 10.42
CA THR A 114 9.53 11.95 11.29
C THR A 114 8.35 11.00 11.53
N GLN A 115 8.62 9.69 11.59
CA GLN A 115 7.60 8.65 11.96
C GLN A 115 7.55 8.37 13.46
N ASN A 116 8.48 8.94 14.21
CA ASN A 116 8.72 8.70 15.64
C ASN A 116 7.89 9.69 16.42
N ILE A 117 7.61 9.29 17.65
CA ILE A 117 6.94 10.00 18.77
C ILE A 117 7.79 10.03 20.06
N ASP A 118 9.08 9.73 19.97
CA ASP A 118 10.07 9.68 21.09
C ASP A 118 10.60 11.09 21.43
N THR A 119 10.28 12.07 20.56
CA THR A 119 10.37 13.57 20.61
C THR A 119 11.80 14.09 20.57
N LEU A 120 12.75 13.31 20.11
CA LEU A 120 14.19 13.64 20.22
C LEU A 120 14.65 14.68 19.18
N GLU A 121 13.93 14.81 18.05
CA GLU A 121 14.11 15.90 17.04
C GLU A 121 13.92 17.26 17.77
N ARG A 122 13.01 17.32 18.74
CA ARG A 122 12.66 18.57 19.44
C ARG A 122 13.68 18.82 20.55
N ILE A 123 14.30 17.76 21.07
CA ILE A 123 15.23 17.83 22.24
C ILE A 123 16.63 18.07 21.71
N ALA A 124 16.83 17.68 20.45
CA ALA A 124 18.01 18.00 19.63
C ALA A 124 17.97 19.46 19.16
N GLY A 125 16.81 20.13 19.21
CA GLY A 125 16.71 21.60 18.93
C GLY A 125 16.13 21.95 17.57
N LEU A 126 15.32 21.06 16.99
CA LEU A 126 14.55 21.42 15.77
C LEU A 126 13.31 22.08 16.33
N GLU A 127 12.69 23.03 15.62
CA GLU A 127 11.44 23.72 16.10
C GLU A 127 10.19 23.16 15.42
N GLN A 128 9.02 23.41 16.00
CA GLN A 128 7.73 22.87 15.52
C GLN A 128 7.61 23.20 14.04
N GLU A 129 8.19 24.31 13.56
CA GLU A 129 8.09 24.68 12.13
C GLU A 129 9.11 23.90 11.26
N ASP A 130 10.13 23.22 11.83
CA ASP A 130 11.13 22.45 10.99
C ASP A 130 10.70 21.00 10.85
N LEU A 131 9.60 20.68 11.50
CA LEU A 131 9.22 19.31 11.90
C LEU A 131 7.80 19.03 11.48
N VAL A 132 7.63 17.86 10.90
CA VAL A 132 6.30 17.23 10.76
C VAL A 132 6.38 15.90 11.49
N GLU A 133 5.72 15.82 12.64
CA GLU A 133 5.47 14.54 13.34
C GLU A 133 4.39 13.76 12.60
N ALA A 134 4.78 13.10 11.51
CA ALA A 134 3.87 12.35 10.61
C ALA A 134 2.92 11.42 11.41
N HIS A 135 3.42 10.78 12.45
CA HIS A 135 2.64 9.73 13.15
C HIS A 135 2.17 10.20 14.50
N GLY A 136 2.06 11.52 14.67
CA GLY A 136 1.38 12.11 15.84
C GLY A 136 2.33 12.31 16.99
N THR A 137 1.76 12.39 18.19
CA THR A 137 2.45 12.81 19.42
C THR A 137 1.66 12.35 20.66
N PHE A 138 2.37 12.25 21.78
CA PHE A 138 1.82 11.96 23.12
C PHE A 138 1.36 13.26 23.80
N TYR A 139 1.73 14.40 23.22
CA TYR A 139 1.62 15.75 23.82
C TYR A 139 0.15 16.00 24.19
N THR A 140 -0.76 15.62 23.29
CA THR A 140 -2.22 15.82 23.49
C THR A 140 -2.94 14.48 23.29
N SER A 141 -4.19 14.41 23.75
CA SER A 141 -5.07 13.23 23.61
C SER A 141 -6.48 13.66 23.18
N HIS A 142 -7.21 12.74 22.55
CA HIS A 142 -8.61 12.97 22.08
C HIS A 142 -9.45 11.71 22.25
N CYS A 143 -10.68 11.93 22.71
CA CYS A 143 -11.89 11.08 22.53
C CYS A 143 -11.98 10.59 21.09
N VAL A 144 -12.27 9.31 20.91
CA VAL A 144 -12.31 8.60 19.60
C VAL A 144 -13.66 8.80 18.87
N SER A 145 -14.69 9.42 19.49
CA SER A 145 -15.98 9.80 18.84
C SER A 145 -15.78 11.02 17.95
N ALA A 146 -16.23 10.92 16.69
CA ALA A 146 -16.08 11.93 15.61
C ALA A 146 -16.91 13.19 15.88
N SER A 147 -18.02 13.07 16.64
CA SER A 147 -18.94 14.19 16.98
C SER A 147 -18.53 14.90 18.29
N CYS A 148 -17.84 14.22 19.23
CA CYS A 148 -17.35 14.79 20.53
C CYS A 148 -15.91 15.32 20.41
N ARG A 149 -14.92 14.44 20.20
CA ARG A 149 -13.51 14.80 19.91
C ARG A 149 -12.85 15.56 21.08
N HIS A 150 -13.17 15.26 22.34
CA HIS A 150 -12.71 16.08 23.50
C HIS A 150 -11.18 15.95 23.66
N GLU A 151 -10.49 17.05 23.91
CA GLU A 151 -9.01 17.07 24.06
C GLU A 151 -8.64 17.09 25.54
N TYR A 152 -7.60 16.32 25.90
CA TYR A 152 -7.04 16.16 27.27
C TYR A 152 -5.53 16.32 27.23
N PRO A 153 -4.93 17.05 28.21
CA PRO A 153 -3.51 17.42 28.11
C PRO A 153 -2.57 16.32 28.63
N LEU A 154 -1.27 16.54 28.51
CA LEU A 154 -0.25 15.48 28.77
C LEU A 154 -0.54 14.84 30.13
N SER A 155 -0.59 15.64 31.20
CA SER A 155 -0.86 15.23 32.61
C SER A 155 -2.07 14.28 32.70
N TRP A 156 -3.14 14.57 31.96
CA TRP A 156 -4.47 13.94 32.15
C TRP A 156 -4.39 12.49 31.65
N MET A 157 -3.74 12.29 30.50
CA MET A 157 -3.32 10.95 30.00
C MET A 157 -2.29 10.33 30.96
N LYS A 158 -1.16 10.99 31.17
CA LYS A 158 -0.10 10.53 32.12
C LYS A 158 -0.73 9.92 33.37
N GLU A 159 -1.68 10.63 33.97
CA GLU A 159 -2.22 10.36 35.33
C GLU A 159 -3.20 9.19 35.33
N LYS A 160 -3.89 8.94 34.21
CA LYS A 160 -4.76 7.76 33.96
C LYS A 160 -3.92 6.54 33.60
N ILE A 161 -2.73 6.69 33.00
CA ILE A 161 -1.91 5.52 32.57
C ILE A 161 -1.21 4.88 33.80
N PHE A 162 -0.80 5.70 34.78
CA PHE A 162 -0.09 5.27 36.01
C PHE A 162 -1.04 5.26 37.22
N SER A 163 -2.28 5.68 37.00
CA SER A 163 -3.45 5.18 37.77
C SER A 163 -3.57 3.68 37.48
N GLU A 164 -3.36 3.30 36.21
CA GLU A 164 -3.76 2.02 35.57
C GLU A 164 -5.27 2.03 35.33
N VAL A 165 -5.84 3.19 34.99
CA VAL A 165 -7.28 3.35 34.63
C VAL A 165 -7.38 3.56 33.11
N THR A 166 -8.05 2.67 32.35
CA THR A 166 -8.36 2.89 30.92
C THR A 166 -9.05 4.25 30.77
N PRO A 167 -8.42 5.24 30.09
CA PRO A 167 -8.97 6.59 29.97
C PRO A 167 -10.29 6.67 29.22
N LYS A 168 -11.17 7.56 29.69
CA LYS A 168 -12.57 7.67 29.18
C LYS A 168 -12.99 9.13 29.19
N CYS A 169 -13.52 9.59 28.06
CA CYS A 169 -14.07 10.96 27.86
C CYS A 169 -15.00 11.32 29.02
N GLU A 170 -15.03 12.59 29.42
CA GLU A 170 -15.88 13.04 30.57
C GLU A 170 -17.28 13.36 30.04
N ASP A 171 -17.34 13.72 28.75
CA ASP A 171 -18.52 14.19 27.98
C ASP A 171 -19.34 13.00 27.44
N CYS A 172 -18.73 12.02 26.75
CA CYS A 172 -19.46 10.91 26.02
C CYS A 172 -19.19 9.50 26.61
N GLN A 173 -18.22 9.36 27.51
CA GLN A 173 -17.74 8.09 28.15
C GLN A 173 -17.01 7.17 27.17
N SER A 174 -16.64 7.67 25.99
CA SER A 174 -15.81 6.90 25.02
C SER A 174 -14.34 6.87 25.46
N LEU A 175 -13.58 5.91 24.90
CA LEU A 175 -12.10 5.80 25.05
C LEU A 175 -11.40 7.06 24.64
N VAL A 176 -10.39 7.44 25.41
CA VAL A 176 -9.46 8.55 25.05
C VAL A 176 -8.09 7.92 24.91
N LYS A 177 -7.42 8.21 23.80
CA LYS A 177 -6.06 7.70 23.44
C LYS A 177 -5.15 8.90 23.24
N PRO A 178 -3.81 8.75 23.39
CA PRO A 178 -2.92 9.80 22.92
C PRO A 178 -2.98 9.91 21.39
N ASP A 179 -2.73 11.13 20.90
CA ASP A 179 -2.71 11.54 19.48
C ASP A 179 -1.45 10.97 18.76
N ILE A 180 -1.07 9.73 19.05
CA ILE A 180 -0.28 8.84 18.15
C ILE A 180 -1.19 8.28 17.05
N VAL A 181 -0.66 8.13 15.84
CA VAL A 181 -1.51 7.76 14.67
C VAL A 181 -1.44 6.25 14.62
N PHE A 182 -2.61 5.62 14.77
CA PHE A 182 -2.82 4.16 14.76
C PHE A 182 -3.14 3.80 13.33
N PHE A 183 -2.90 2.54 12.96
CA PHE A 183 -3.42 2.01 11.70
C PHE A 183 -4.92 2.30 11.60
N GLY A 184 -5.36 2.98 10.53
CA GLY A 184 -6.79 3.25 10.23
C GLY A 184 -7.14 4.72 10.48
N GLU A 185 -6.27 5.44 11.19
CA GLU A 185 -6.44 6.87 11.55
C GLU A 185 -5.85 7.76 10.46
N SER A 186 -6.40 8.98 10.38
CA SER A 186 -5.81 10.13 9.67
C SER A 186 -4.53 10.55 10.36
N LEU A 187 -3.59 10.94 9.49
CA LEU A 187 -2.36 11.68 9.83
C LEU A 187 -2.74 13.13 10.05
N PRO A 188 -1.96 13.94 10.80
CA PRO A 188 -2.41 15.30 11.11
C PRO A 188 -2.40 16.10 9.82
N ALA A 189 -3.13 17.21 9.78
CA ALA A 189 -3.32 18.06 8.59
C ALA A 189 -1.96 18.58 8.11
N ARG A 190 -1.10 18.98 9.04
CA ARG A 190 0.21 19.61 8.76
C ARG A 190 0.96 18.74 7.73
N PHE A 191 0.71 17.42 7.72
CA PHE A 191 1.42 16.43 6.87
C PHE A 191 1.15 16.72 5.39
N PHE A 192 -0.11 16.91 5.02
CA PHE A 192 -0.57 17.15 3.62
C PHE A 192 -0.23 18.58 3.19
N SER A 193 -0.54 19.58 4.02
CA SER A 193 -0.33 21.02 3.69
C SER A 193 1.16 21.26 3.43
N CYS A 194 2.00 20.74 4.32
CA CYS A 194 3.49 20.83 4.24
C CYS A 194 4.01 20.05 3.03
N MET A 195 3.58 18.79 2.89
CA MET A 195 3.85 17.90 1.74
C MET A 195 3.62 18.65 0.41
N GLN A 196 2.41 19.16 0.13
CA GLN A 196 2.03 19.68 -1.22
C GLN A 196 2.96 20.83 -1.60
N SER A 197 3.38 21.60 -0.60
CA SER A 197 4.29 22.75 -0.76
C SER A 197 5.76 22.26 -0.77
N ASP A 198 6.22 21.59 0.26
CA ASP A 198 7.63 21.16 0.45
C ASP A 198 8.25 20.40 -0.74
N PHE A 199 7.53 19.50 -1.39
CA PHE A 199 8.15 18.53 -2.31
C PHE A 199 8.24 19.19 -3.69
N LEU A 200 7.68 20.40 -3.86
CA LEU A 200 7.81 21.14 -5.14
C LEU A 200 9.19 21.79 -5.21
N LYS A 201 9.82 22.07 -4.07
CA LYS A 201 11.12 22.81 -4.08
C LYS A 201 12.22 22.02 -3.39
N VAL A 202 12.29 20.69 -3.55
CA VAL A 202 13.32 19.92 -2.76
C VAL A 202 14.44 19.46 -3.68
N ASP A 203 15.65 19.56 -3.15
CA ASP A 203 16.95 19.41 -3.82
C ASP A 203 17.62 18.14 -3.31
N LEU A 204 17.44 17.73 -2.05
CA LEU A 204 17.97 16.40 -1.62
C LEU A 204 17.01 15.74 -0.64
N LEU A 205 16.61 14.48 -0.90
CA LEU A 205 15.94 13.63 0.11
C LEU A 205 17.01 12.83 0.81
N LEU A 206 17.17 13.06 2.10
CA LEU A 206 18.01 12.25 3.01
C LEU A 206 17.15 11.28 3.82
N VAL A 207 17.18 9.96 3.60
CA VAL A 207 16.15 9.03 4.19
C VAL A 207 16.84 8.18 5.26
N MET A 208 16.50 8.30 6.56
CA MET A 208 17.27 7.58 7.63
C MET A 208 16.38 6.73 8.55
N GLY A 209 16.77 5.46 8.75
CA GLY A 209 16.29 4.59 9.84
C GLY A 209 14.86 4.15 9.60
N THR A 210 14.50 3.86 8.38
CA THR A 210 13.11 3.44 8.14
C THR A 210 13.12 2.29 7.14
N SER A 211 12.10 1.43 7.16
CA SER A 211 11.99 0.25 6.27
C SER A 211 11.04 0.54 5.11
N LEU A 212 10.51 1.76 5.13
CA LEU A 212 9.49 2.30 4.22
C LEU A 212 8.40 1.24 4.00
N GLN A 213 7.80 0.78 5.09
CA GLN A 213 6.85 -0.35 5.11
C GLN A 213 5.41 0.10 5.39
N VAL A 214 5.14 1.40 5.44
CA VAL A 214 3.78 1.92 5.67
C VAL A 214 3.53 3.12 4.75
N GLN A 215 2.27 3.29 4.44
CA GLN A 215 1.74 4.41 3.69
C GLN A 215 1.01 5.27 4.68
N PRO A 216 0.85 6.59 4.46
CA PRO A 216 1.29 7.26 3.25
C PRO A 216 2.78 7.63 3.23
N PHE A 217 3.44 7.44 4.34
CA PHE A 217 4.78 8.01 4.52
C PHE A 217 5.77 7.46 3.46
N ALA A 218 5.60 6.22 3.03
CA ALA A 218 6.43 5.56 2.00
C ALA A 218 6.18 6.18 0.61
N SER A 219 5.03 6.77 0.37
CA SER A 219 4.72 7.61 -0.81
C SER A 219 5.75 8.76 -0.91
N LEU A 220 6.24 9.33 0.20
CA LEU A 220 6.99 10.60 0.14
C LEU A 220 8.16 10.54 -0.81
N ILE A 221 8.93 9.46 -0.82
CA ILE A 221 10.04 9.38 -1.78
C ILE A 221 9.55 9.61 -3.22
N SER A 222 8.36 9.13 -3.63
CA SER A 222 7.82 9.28 -5.03
C SER A 222 7.38 10.73 -5.31
N LYS A 223 7.26 11.57 -4.29
CA LYS A 223 6.74 12.96 -4.45
C LYS A 223 7.80 13.97 -4.86
N ALA A 224 9.06 13.74 -4.51
CA ALA A 224 10.20 14.59 -4.92
C ALA A 224 10.28 14.55 -6.44
N PRO A 225 10.89 15.58 -7.07
CA PRO A 225 11.17 15.57 -8.51
C PRO A 225 11.92 14.31 -8.96
N LEU A 226 11.83 13.89 -10.23
CA LEU A 226 12.53 12.68 -10.76
C LEU A 226 14.05 12.86 -10.74
N SER A 227 14.54 14.08 -10.64
CA SER A 227 15.98 14.42 -10.76
C SER A 227 16.58 14.73 -9.38
N THR A 228 15.75 14.84 -8.33
CA THR A 228 16.22 15.06 -6.94
C THR A 228 16.96 13.80 -6.46
N PRO A 229 18.22 13.94 -6.00
CA PRO A 229 18.99 12.83 -5.43
C PRO A 229 18.40 12.36 -4.11
N ARG A 230 18.58 11.07 -3.86
CA ARG A 230 17.96 10.40 -2.67
C ARG A 230 18.98 9.50 -2.05
N LEU A 231 19.49 9.91 -0.88
CA LEU A 231 20.51 9.12 -0.18
C LEU A 231 19.83 8.37 0.95
N LEU A 232 20.01 7.04 1.01
CA LEU A 232 19.60 6.18 2.14
C LEU A 232 20.79 5.95 3.07
N ILE A 233 20.60 6.21 4.35
CA ILE A 233 21.50 5.81 5.46
C ILE A 233 20.72 4.89 6.39
N ASN A 234 20.95 3.59 6.25
CA ASN A 234 20.09 2.54 6.85
C ASN A 234 20.93 1.27 6.98
N LYS A 235 20.62 0.35 7.91
CA LYS A 235 21.35 -0.95 8.06
C LYS A 235 21.15 -1.82 6.84
N GLU A 236 19.93 -1.85 6.33
CA GLU A 236 19.50 -2.59 5.11
C GLU A 236 19.05 -1.60 4.04
N LYS A 237 19.02 -2.09 2.81
CA LYS A 237 18.32 -1.46 1.64
C LYS A 237 16.81 -1.50 1.83
N ALA A 238 16.18 -0.34 1.83
CA ALA A 238 14.74 -0.11 2.09
C ALA A 238 14.20 0.69 0.92
N GLY A 239 13.05 0.32 0.39
CA GLY A 239 12.40 0.95 -0.75
C GLY A 239 12.78 0.27 -2.07
N GLN A 240 13.69 -0.70 -2.05
CA GLN A 240 14.12 -1.39 -3.27
C GLN A 240 13.67 -2.86 -3.26
N SER A 241 12.69 -3.25 -4.08
CA SER A 241 12.40 -4.71 -4.26
C SER A 241 11.57 -4.95 -5.51
N ASP A 242 11.73 -6.17 -6.00
CA ASP A 242 10.83 -6.75 -7.00
C ASP A 242 9.41 -6.60 -6.48
N PRO A 243 8.45 -6.26 -7.37
CA PRO A 243 7.04 -6.33 -7.02
C PRO A 243 6.55 -7.72 -6.57
N PHE A 244 5.61 -7.73 -5.63
CA PHE A 244 4.91 -8.94 -5.20
C PHE A 244 3.48 -8.56 -4.82
N LEU A 245 2.62 -9.56 -4.69
CA LEU A 245 1.26 -9.35 -4.20
C LEU A 245 1.37 -9.01 -2.72
N GLY A 246 0.81 -7.85 -2.37
CA GLY A 246 0.87 -7.34 -0.99
C GLY A 246 2.06 -6.43 -0.72
N MET A 247 2.79 -5.97 -1.75
CA MET A 247 3.86 -4.94 -1.54
C MET A 247 3.21 -3.70 -0.96
N ILE A 248 4.00 -2.89 -0.27
CA ILE A 248 3.54 -1.62 0.36
C ILE A 248 3.60 -0.49 -0.67
N MET A 249 4.75 -0.29 -1.27
CA MET A 249 4.99 0.70 -2.37
C MET A 249 4.12 0.54 -3.62
N GLY A 250 3.80 1.66 -4.26
CA GLY A 250 3.30 1.77 -5.63
C GLY A 250 4.23 1.16 -6.66
N LEU A 251 3.69 0.73 -7.81
CA LEU A 251 4.52 0.34 -9.00
C LEU A 251 5.48 1.42 -9.40
N GLY A 252 6.78 1.09 -9.47
CA GLY A 252 7.90 2.03 -9.75
C GLY A 252 7.89 3.24 -8.81
N GLY A 253 7.32 3.11 -7.62
CA GLY A 253 7.33 4.23 -6.64
C GLY A 253 8.48 4.17 -5.67
N GLY A 254 9.41 3.24 -5.87
CA GLY A 254 10.49 2.91 -4.92
C GLY A 254 11.85 3.43 -5.32
N MET A 255 12.85 3.08 -4.49
CA MET A 255 14.27 3.41 -4.75
C MET A 255 14.82 2.48 -5.85
N ASP A 256 15.67 3.03 -6.72
CA ASP A 256 16.55 2.23 -7.62
C ASP A 256 18.04 2.53 -7.36
N PHE A 257 18.71 1.73 -6.52
CA PHE A 257 20.15 1.91 -6.14
C PHE A 257 21.09 1.15 -7.10
N ASP A 258 20.63 -0.01 -7.59
CA ASP A 258 21.55 -1.08 -8.06
C ASP A 258 21.35 -1.45 -9.52
N SER A 259 20.19 -1.17 -10.13
CA SER A 259 19.85 -1.48 -11.55
C SER A 259 20.66 -0.62 -12.55
N LYS A 260 20.75 -1.05 -13.82
CA LYS A 260 21.53 -0.37 -14.90
C LYS A 260 20.93 1.01 -15.22
N LYS A 261 19.67 1.25 -14.86
CA LYS A 261 19.00 2.55 -15.16
C LYS A 261 19.20 3.51 -14.00
N ALA A 262 19.97 3.10 -12.99
CA ALA A 262 20.10 3.81 -11.69
C ALA A 262 20.83 5.13 -11.97
N TYR A 263 20.35 6.27 -11.43
CA TYR A 263 20.83 7.61 -11.84
C TYR A 263 20.99 8.54 -10.65
N ARG A 264 20.12 8.45 -9.64
CA ARG A 264 20.01 9.51 -8.62
C ARG A 264 19.97 8.98 -7.20
N ASP A 265 19.88 7.67 -6.96
CA ASP A 265 19.58 7.09 -5.62
C ASP A 265 20.83 6.37 -5.09
N VAL A 266 21.31 6.71 -3.88
CA VAL A 266 22.51 6.10 -3.20
C VAL A 266 22.11 5.45 -1.86
N ALA A 267 22.48 4.19 -1.64
CA ALA A 267 22.43 3.53 -0.34
C ALA A 267 23.82 3.52 0.31
N TRP A 268 23.89 4.07 1.53
CA TRP A 268 24.97 3.77 2.51
C TRP A 268 24.47 2.79 3.58
N LEU A 269 24.95 1.54 3.59
CA LEU A 269 24.59 0.44 4.52
C LEU A 269 25.49 0.48 5.78
N GLY A 270 24.88 0.44 6.98
CA GLY A 270 25.59 0.71 8.25
C GLY A 270 24.79 1.56 9.25
N GLU A 271 25.39 1.83 10.41
CA GLU A 271 24.79 2.58 11.54
C GLU A 271 24.49 4.03 11.10
N CYS A 272 23.27 4.49 11.36
CA CYS A 272 22.82 5.89 11.14
C CYS A 272 23.79 6.85 11.81
N ASP A 273 24.37 6.47 12.95
CA ASP A 273 25.36 7.36 13.62
C ASP A 273 26.59 7.52 12.73
N GLN A 274 27.13 6.44 12.14
CA GLN A 274 28.46 6.43 11.50
C GLN A 274 28.36 7.08 10.11
N GLY A 275 27.27 6.83 9.34
CA GLY A 275 27.05 7.49 8.06
C GLY A 275 27.07 9.00 8.16
N CYS A 276 26.45 9.51 9.21
CA CYS A 276 26.23 10.95 9.49
C CYS A 276 27.60 11.56 9.84
N LEU A 277 28.33 10.83 10.67
CA LEU A 277 29.78 11.07 10.88
C LEU A 277 30.49 11.15 9.53
N ALA A 278 30.28 10.21 8.60
CA ALA A 278 31.11 10.05 7.39
C ALA A 278 30.73 11.08 6.33
N LEU A 279 29.54 11.66 6.45
CA LEU A 279 29.03 12.69 5.54
C LEU A 279 29.48 14.08 6.00
N ALA A 280 29.24 14.37 7.27
CA ALA A 280 29.78 15.54 8.01
C ALA A 280 31.26 15.75 7.64
N GLU A 281 32.10 14.76 7.88
CA GLU A 281 33.52 14.74 7.52
C GLU A 281 33.70 15.12 6.05
N LEU A 282 33.16 14.36 5.10
CA LEU A 282 33.24 14.70 3.65
C LEU A 282 32.97 16.19 3.44
N LEU A 283 32.05 16.72 4.24
CA LEU A 283 31.47 18.08 4.11
C LEU A 283 32.30 19.04 4.93
N GLY A 284 33.30 18.51 5.65
CA GLY A 284 34.28 19.22 6.47
C GLY A 284 33.69 19.70 7.77
N TRP A 285 32.63 19.05 8.23
CA TRP A 285 31.84 19.47 9.42
C TRP A 285 32.04 18.52 10.60
N LYS A 286 33.07 17.69 10.66
CA LYS A 286 33.17 16.60 11.66
C LYS A 286 33.11 17.21 13.08
N LYS A 287 34.19 17.88 13.51
CA LYS A 287 34.34 18.56 14.83
C LYS A 287 33.08 19.36 15.22
N GLU A 288 32.44 20.02 14.27
CA GLU A 288 31.27 20.90 14.54
C GLU A 288 30.09 20.07 15.08
N LEU A 289 29.80 18.95 14.41
CA LEU A 289 28.84 17.91 14.86
C LEU A 289 29.28 17.29 16.19
N GLU A 290 30.51 16.74 16.27
CA GLU A 290 31.01 16.11 17.52
C GLU A 290 30.89 17.10 18.68
N ASP A 291 31.28 18.37 18.47
CA ASP A 291 31.33 19.40 19.56
C ASP A 291 29.91 19.68 20.05
N LEU A 292 28.93 19.72 19.14
CA LEU A 292 27.53 20.07 19.46
C LEU A 292 26.88 18.89 20.18
N VAL A 293 27.20 17.65 19.78
CA VAL A 293 26.83 16.44 20.59
C VAL A 293 27.45 16.53 21.99
N ARG A 294 28.79 16.59 22.08
CA ARG A 294 29.48 16.67 23.39
C ARG A 294 28.77 17.73 24.25
N ARG A 295 28.67 18.97 23.78
CA ARG A 295 28.02 20.07 24.58
C ARG A 295 26.61 19.72 25.02
N GLU A 296 25.79 19.26 24.07
CA GLU A 296 24.31 19.21 24.26
C GLU A 296 23.99 18.05 25.22
N HIS A 297 24.82 17.01 25.21
CA HIS A 297 24.78 15.83 26.12
C HIS A 297 25.25 16.18 27.54
N ALA A 298 26.35 16.93 27.71
CA ALA A 298 26.74 17.56 29.00
C ALA A 298 25.57 18.38 29.55
N SER A 299 24.98 19.24 28.69
CA SER A 299 23.88 20.20 28.97
C SER A 299 22.64 19.49 29.48
N ILE A 300 22.43 18.22 29.10
CA ILE A 300 21.24 17.43 29.55
C ILE A 300 21.54 16.79 30.91
N ASP A 301 22.65 16.07 31.04
CA ASP A 301 23.17 15.51 32.33
C ASP A 301 22.98 16.52 33.49
N ALA A 302 23.06 17.83 33.22
CA ALA A 302 23.17 18.92 34.23
C ALA A 302 21.80 19.53 34.57
N GLN A 303 20.70 19.09 33.96
CA GLN A 303 19.41 19.85 33.98
C GLN A 303 18.32 18.97 34.58
N GLU B 4 -5.86 18.48 -19.69
CA GLU B 4 -7.10 18.50 -20.53
C GLU B 4 -8.23 17.85 -19.74
N ARG B 5 -9.43 18.45 -19.82
CA ARG B 5 -10.69 18.02 -19.14
C ARG B 5 -11.63 17.51 -20.24
N LEU B 6 -12.05 16.25 -20.17
CA LEU B 6 -12.56 15.51 -21.36
C LEU B 6 -14.04 15.14 -21.22
N LEU B 7 -14.58 15.08 -20.01
CA LEU B 7 -16.00 14.67 -19.82
C LEU B 7 -16.88 15.93 -19.78
N ASP B 8 -18.09 15.86 -20.36
CA ASP B 8 -19.04 17.00 -20.51
C ASP B 8 -19.96 17.05 -19.28
N GLU B 9 -20.03 15.95 -18.52
CA GLU B 9 -20.44 15.91 -17.10
C GLU B 9 -19.83 14.66 -16.45
N LEU B 10 -19.78 14.59 -15.12
CA LEU B 10 -19.29 13.39 -14.38
C LEU B 10 -20.46 12.48 -14.03
N THR B 11 -20.96 11.76 -15.02
CA THR B 11 -22.12 10.84 -14.90
C THR B 11 -21.97 9.73 -15.96
N LEU B 12 -22.70 8.63 -15.78
CA LEU B 12 -22.77 7.60 -16.83
C LEU B 12 -23.06 8.34 -18.14
N GLU B 13 -24.08 9.19 -18.11
CA GLU B 13 -24.64 9.94 -19.27
C GLU B 13 -23.51 10.67 -20.02
N GLY B 14 -22.63 11.37 -19.29
CA GLY B 14 -21.46 12.06 -19.87
C GLY B 14 -20.45 11.07 -20.44
N VAL B 15 -20.32 9.91 -19.81
CA VAL B 15 -19.27 8.88 -20.11
C VAL B 15 -19.62 8.22 -21.43
N ALA B 16 -20.89 7.83 -21.55
CA ALA B 16 -21.51 7.29 -22.78
C ALA B 16 -21.16 8.18 -23.96
N ARG B 17 -21.36 9.49 -23.83
CA ARG B 17 -21.23 10.44 -24.97
C ARG B 17 -19.76 10.54 -25.40
N TYR B 18 -18.83 10.42 -24.45
CA TYR B 18 -17.37 10.33 -24.71
C TYR B 18 -17.05 9.04 -25.47
N MET B 19 -17.51 7.90 -24.92
CA MET B 19 -17.39 6.60 -25.61
C MET B 19 -18.00 6.70 -27.02
N GLN B 20 -18.75 7.77 -27.32
CA GLN B 20 -19.48 7.88 -28.61
C GLN B 20 -18.67 8.74 -29.61
N SER B 21 -17.81 9.65 -29.12
CA SER B 21 -16.87 10.47 -29.93
C SER B 21 -15.74 9.60 -30.50
N GLU B 22 -14.91 10.20 -31.37
CA GLU B 22 -13.81 9.54 -32.13
C GLU B 22 -12.50 9.58 -31.32
N ARG B 23 -12.53 10.21 -30.15
CA ARG B 23 -11.36 10.41 -29.25
C ARG B 23 -11.22 9.21 -28.29
N CYS B 24 -12.34 8.73 -27.77
CA CYS B 24 -12.44 7.41 -27.08
C CYS B 24 -12.18 6.30 -28.10
N ARG B 25 -10.94 5.83 -28.11
CA ARG B 25 -10.51 4.78 -29.05
C ARG B 25 -10.22 3.49 -28.29
N ARG B 26 -9.72 3.57 -27.06
CA ARG B 26 -9.17 2.40 -26.37
C ARG B 26 -9.60 2.33 -24.92
N VAL B 27 -10.14 1.18 -24.54
CA VAL B 27 -10.71 0.96 -23.18
C VAL B 27 -9.96 -0.16 -22.47
N ILE B 28 -9.53 0.12 -21.25
CA ILE B 28 -8.96 -0.86 -20.28
C ILE B 28 -10.02 -1.10 -19.21
N CYS B 29 -10.41 -2.35 -19.03
CA CYS B 29 -11.24 -2.89 -17.95
C CYS B 29 -10.33 -3.37 -16.80
N LEU B 30 -10.69 -3.00 -15.56
CA LEU B 30 -9.92 -3.30 -14.32
C LEU B 30 -10.95 -3.91 -13.38
N VAL B 31 -10.93 -5.23 -13.23
CA VAL B 31 -12.08 -5.93 -12.61
C VAL B 31 -11.59 -6.76 -11.42
N GLY B 32 -12.49 -7.01 -10.46
CA GLY B 32 -12.29 -7.86 -9.28
C GLY B 32 -13.56 -8.63 -8.93
N ALA B 33 -13.70 -9.11 -7.71
CA ALA B 33 -14.54 -10.30 -7.42
C ALA B 33 -16.04 -9.98 -7.42
N GLY B 34 -16.39 -8.71 -7.36
CA GLY B 34 -17.78 -8.23 -7.46
C GLY B 34 -18.45 -8.51 -8.80
N ILE B 35 -17.73 -8.53 -9.93
CA ILE B 35 -18.37 -8.92 -11.22
C ILE B 35 -18.71 -10.42 -11.23
N SER B 36 -18.25 -11.25 -10.28
CA SER B 36 -18.65 -12.69 -10.22
C SER B 36 -19.70 -12.97 -9.11
N THR B 37 -20.15 -12.00 -8.30
CA THR B 37 -21.18 -12.32 -7.24
C THR B 37 -22.57 -12.71 -7.77
N SER B 38 -23.03 -12.36 -8.97
CA SER B 38 -24.39 -12.77 -9.42
C SER B 38 -24.35 -14.06 -10.23
N ALA B 39 -23.24 -14.80 -10.16
CA ALA B 39 -23.12 -16.17 -10.73
C ALA B 39 -22.89 -17.13 -9.57
N GLY B 40 -23.25 -16.70 -8.36
CA GLY B 40 -23.12 -17.53 -7.15
C GLY B 40 -21.69 -17.60 -6.60
N ILE B 41 -20.75 -16.75 -7.04
CA ILE B 41 -19.34 -16.75 -6.50
C ILE B 41 -19.17 -15.51 -5.66
N PRO B 42 -19.05 -15.67 -4.32
CA PRO B 42 -18.86 -14.52 -3.45
C PRO B 42 -17.42 -14.00 -3.58
N ASP B 43 -17.24 -12.76 -3.16
CA ASP B 43 -16.04 -11.91 -3.17
C ASP B 43 -15.21 -12.17 -1.89
N PHE B 44 -14.27 -11.29 -1.58
CA PHE B 44 -13.29 -11.54 -0.51
C PHE B 44 -13.76 -10.73 0.71
N ARG B 45 -13.88 -9.41 0.58
CA ARG B 45 -13.91 -8.45 1.71
C ARG B 45 -15.30 -7.92 2.12
N SER B 46 -16.40 -8.42 1.56
CA SER B 46 -17.76 -8.00 1.95
C SER B 46 -18.20 -8.75 3.19
N PRO B 47 -18.82 -8.03 4.14
CA PRO B 47 -19.13 -8.57 5.46
C PRO B 47 -20.19 -9.68 5.29
N SER B 48 -20.05 -10.75 6.08
CA SER B 48 -20.97 -11.91 6.15
C SER B 48 -21.01 -12.75 4.87
N THR B 49 -20.65 -12.24 3.69
CA THR B 49 -20.72 -13.01 2.41
C THR B 49 -19.30 -13.39 2.07
N GLY B 50 -18.39 -12.44 2.33
CA GLY B 50 -16.94 -12.50 2.08
C GLY B 50 -16.27 -13.75 2.63
N LEU B 51 -15.49 -14.40 1.76
CA LEU B 51 -14.62 -15.57 2.00
C LEU B 51 -13.67 -15.36 3.17
N TYR B 52 -13.19 -14.15 3.34
CA TYR B 52 -12.29 -13.80 4.43
C TYR B 52 -13.07 -13.72 5.73
N ASP B 53 -14.39 -13.67 5.67
CA ASP B 53 -15.21 -13.73 6.89
C ASP B 53 -15.70 -15.16 7.07
N ASN B 54 -15.25 -16.14 6.27
CA ASN B 54 -15.92 -17.47 6.26
C ASN B 54 -14.92 -18.63 6.33
N LEU B 55 -13.83 -18.43 7.05
CA LEU B 55 -12.71 -19.40 7.14
C LEU B 55 -12.49 -19.91 8.59
N GLU B 56 -13.51 -19.98 9.42
CA GLU B 56 -13.39 -20.33 10.87
C GLU B 56 -12.71 -21.70 11.02
N LYS B 57 -13.14 -22.69 10.24
CA LYS B 57 -12.73 -24.11 10.44
C LYS B 57 -11.23 -24.33 10.20
N TYR B 58 -10.50 -23.44 9.52
CA TYR B 58 -9.08 -23.69 9.15
C TYR B 58 -8.14 -23.19 10.24
N HIS B 59 -8.71 -22.58 11.27
CA HIS B 59 -8.03 -22.06 12.49
C HIS B 59 -6.77 -21.30 12.04
N LEU B 60 -7.00 -20.35 11.14
CA LEU B 60 -5.96 -19.49 10.52
C LEU B 60 -5.73 -18.36 11.51
N PRO B 61 -4.50 -17.81 11.54
CA PRO B 61 -4.19 -16.67 12.40
C PRO B 61 -4.78 -15.32 12.01
N TYR B 62 -4.93 -15.09 10.70
CA TYR B 62 -5.65 -13.96 10.06
C TYR B 62 -6.13 -14.46 8.70
N PRO B 63 -7.28 -13.94 8.21
CA PRO B 63 -7.91 -14.43 6.99
C PRO B 63 -6.96 -14.63 5.82
N GLU B 64 -6.02 -13.70 5.55
CA GLU B 64 -5.19 -13.75 4.29
C GLU B 64 -4.13 -14.89 4.33
N ALA B 65 -3.96 -15.59 5.46
CA ALA B 65 -2.95 -16.66 5.67
C ALA B 65 -3.10 -17.83 4.69
N ILE B 66 -4.33 -18.14 4.36
CA ILE B 66 -4.63 -19.30 3.48
C ILE B 66 -4.06 -19.04 2.07
N PHE B 67 -3.72 -17.80 1.70
CA PHE B 67 -3.12 -17.47 0.36
C PHE B 67 -1.82 -16.70 0.46
N GLU B 68 -1.07 -16.91 1.54
CA GLU B 68 0.32 -16.43 1.83
C GLU B 68 1.31 -17.59 1.76
N ILE B 69 2.41 -17.38 1.04
CA ILE B 69 3.26 -18.43 0.42
C ILE B 69 4.06 -19.14 1.51
N SER B 70 4.30 -18.45 2.62
CA SER B 70 5.10 -18.96 3.76
C SER B 70 4.18 -19.85 4.58
N TYR B 71 3.01 -19.30 4.93
CA TYR B 71 1.94 -20.03 5.64
C TYR B 71 1.65 -21.30 4.89
N PHE B 72 1.47 -21.19 3.57
CA PHE B 72 1.15 -22.35 2.73
C PHE B 72 2.19 -23.48 2.85
N LYS B 73 3.49 -23.21 2.69
CA LYS B 73 4.55 -24.27 2.68
C LYS B 73 4.53 -25.00 4.02
N LYS B 74 4.39 -24.26 5.12
CA LYS B 74 4.24 -24.75 6.52
C LYS B 74 2.96 -25.55 6.70
N HIS B 75 1.79 -24.97 6.37
CA HIS B 75 0.47 -25.61 6.53
C HIS B 75 -0.32 -25.59 5.22
N PRO B 76 -0.01 -26.54 4.30
CA PRO B 76 -0.60 -26.49 2.97
C PRO B 76 -2.06 -26.94 2.91
N GLU B 77 -2.57 -27.58 3.97
CA GLU B 77 -3.72 -28.49 3.84
C GLU B 77 -4.98 -27.63 3.84
N PRO B 78 -5.08 -26.58 4.70
CA PRO B 78 -6.14 -25.59 4.57
C PRO B 78 -6.34 -25.11 3.13
N PHE B 79 -5.40 -24.40 2.49
CA PHE B 79 -5.65 -23.89 1.10
C PHE B 79 -6.29 -24.99 0.23
N PHE B 80 -5.73 -26.21 0.20
CA PHE B 80 -6.23 -27.34 -0.62
C PHE B 80 -7.67 -27.67 -0.22
N ALA B 81 -7.92 -27.81 1.08
CA ALA B 81 -9.28 -28.03 1.59
C ALA B 81 -10.21 -27.06 0.86
N LEU B 82 -9.85 -25.78 0.87
CA LEU B 82 -10.63 -24.72 0.19
C LEU B 82 -10.47 -24.81 -1.33
N ALA B 83 -9.40 -25.43 -1.84
CA ALA B 83 -9.21 -25.61 -3.30
C ALA B 83 -10.39 -26.38 -3.90
N LYS B 84 -10.61 -27.66 -3.49
CA LYS B 84 -11.73 -28.54 -3.94
C LYS B 84 -13.04 -27.74 -3.83
N GLU B 85 -13.37 -27.30 -2.61
CA GLU B 85 -14.57 -26.46 -2.30
C GLU B 85 -14.89 -25.51 -3.45
N LEU B 86 -13.89 -24.93 -4.11
CA LEU B 86 -14.11 -23.96 -5.22
C LEU B 86 -12.87 -23.87 -6.14
N TYR B 87 -13.13 -24.07 -7.44
CA TYR B 87 -12.20 -24.01 -8.60
C TYR B 87 -13.05 -23.58 -9.80
N PRO B 88 -12.47 -23.18 -10.96
CA PRO B 88 -13.22 -22.43 -11.97
C PRO B 88 -14.23 -23.20 -12.83
N GLY B 89 -15.39 -22.58 -13.09
CA GLY B 89 -16.31 -22.89 -14.20
C GLY B 89 -17.39 -23.93 -13.87
N GLN B 90 -17.89 -23.95 -12.64
CA GLN B 90 -19.18 -24.61 -12.24
C GLN B 90 -20.28 -23.56 -12.26
N PHE B 91 -19.93 -22.34 -12.66
CA PHE B 91 -20.80 -21.13 -12.71
C PHE B 91 -20.86 -20.63 -14.16
N LYS B 92 -21.56 -19.53 -14.41
CA LYS B 92 -21.73 -18.95 -15.77
C LYS B 92 -21.51 -17.45 -15.76
N PRO B 93 -20.93 -16.88 -16.85
CA PRO B 93 -20.57 -15.47 -16.86
C PRO B 93 -21.81 -14.59 -16.65
N THR B 94 -21.56 -13.33 -16.29
CA THR B 94 -22.57 -12.35 -15.88
C THR B 94 -22.78 -11.31 -16.96
N ILE B 95 -23.86 -10.55 -16.88
CA ILE B 95 -24.15 -9.47 -17.86
C ILE B 95 -22.85 -8.66 -18.01
N CYS B 96 -22.14 -8.47 -16.89
CA CYS B 96 -20.85 -7.72 -16.76
C CYS B 96 -19.83 -8.29 -17.76
N HIS B 97 -19.64 -9.61 -17.79
CA HIS B 97 -18.61 -10.33 -18.60
C HIS B 97 -19.03 -10.29 -20.06
N TYR B 98 -20.33 -10.37 -20.36
CA TYR B 98 -20.77 -10.31 -21.78
C TYR B 98 -20.68 -8.86 -22.25
N PHE B 99 -20.92 -7.89 -21.37
CA PHE B 99 -20.80 -6.44 -21.71
C PHE B 99 -19.36 -6.09 -22.07
N MET B 100 -18.39 -6.85 -21.58
CA MET B 100 -16.96 -6.63 -21.92
C MET B 100 -16.69 -7.28 -23.28
N ARG B 101 -17.32 -8.43 -23.49
CA ARG B 101 -17.33 -9.21 -24.74
C ARG B 101 -17.83 -8.35 -25.92
N LEU B 102 -18.73 -7.39 -25.66
CA LEU B 102 -19.29 -6.41 -26.65
C LEU B 102 -18.20 -5.37 -26.95
N LEU B 103 -17.50 -4.90 -25.90
CA LEU B 103 -16.34 -3.98 -26.04
C LEU B 103 -15.27 -4.60 -26.93
N LYS B 104 -15.10 -5.91 -26.86
CA LYS B 104 -14.12 -6.65 -27.70
C LYS B 104 -14.71 -6.67 -29.12
N ASP B 105 -15.99 -7.06 -29.24
CA ASP B 105 -16.59 -7.30 -30.57
C ASP B 105 -16.75 -5.94 -31.28
N LYS B 106 -16.99 -4.84 -30.56
CA LYS B 106 -17.12 -3.45 -31.10
C LYS B 106 -15.73 -2.82 -31.22
N GLY B 107 -14.70 -3.51 -30.68
CA GLY B 107 -13.27 -3.28 -30.96
C GLY B 107 -12.67 -2.13 -30.16
N LEU B 108 -13.10 -1.93 -28.92
CA LEU B 108 -12.76 -0.77 -28.05
C LEU B 108 -11.90 -1.27 -26.88
N LEU B 109 -12.03 -2.54 -26.55
CA LEU B 109 -11.25 -3.24 -25.52
C LEU B 109 -9.79 -3.31 -25.96
N LEU B 110 -8.95 -2.43 -25.46
CA LEU B 110 -7.49 -2.62 -25.57
C LEU B 110 -7.11 -3.81 -24.68
N ARG B 111 -7.69 -3.97 -23.48
CA ARG B 111 -7.26 -5.06 -22.57
C ARG B 111 -8.21 -5.17 -21.41
N CYS B 112 -8.61 -6.39 -21.00
CA CYS B 112 -9.18 -6.57 -19.64
C CYS B 112 -8.11 -7.16 -18.70
N TYR B 113 -7.75 -6.41 -17.68
CA TYR B 113 -7.01 -6.91 -16.48
C TYR B 113 -7.99 -7.42 -15.43
N THR B 114 -7.85 -8.66 -15.02
CA THR B 114 -8.71 -9.24 -13.95
C THR B 114 -7.88 -9.68 -12.74
N GLN B 115 -8.47 -9.65 -11.56
CA GLN B 115 -7.89 -10.09 -10.26
C GLN B 115 -8.41 -11.46 -9.90
N ASN B 116 -9.35 -12.01 -10.72
CA ASN B 116 -10.09 -13.25 -10.42
C ASN B 116 -9.42 -14.41 -11.12
N ILE B 117 -9.73 -15.57 -10.64
CA ILE B 117 -9.19 -16.85 -11.11
C ILE B 117 -10.36 -17.80 -11.45
N ASP B 118 -11.54 -17.23 -11.72
CA ASP B 118 -12.75 -18.04 -12.05
C ASP B 118 -12.85 -18.29 -13.57
N THR B 119 -11.98 -17.66 -14.37
CA THR B 119 -11.80 -17.95 -15.82
C THR B 119 -13.10 -17.63 -16.55
N LEU B 120 -13.90 -16.70 -16.02
CA LEU B 120 -15.30 -16.47 -16.43
C LEU B 120 -15.24 -15.45 -17.55
N GLU B 121 -14.14 -14.67 -17.63
CA GLU B 121 -13.86 -13.78 -18.79
C GLU B 121 -13.65 -14.65 -20.05
N ARG B 122 -12.78 -15.66 -20.01
CA ARG B 122 -12.55 -16.53 -21.21
C ARG B 122 -13.89 -17.17 -21.62
N ILE B 123 -14.65 -17.69 -20.65
CA ILE B 123 -15.88 -18.52 -20.93
C ILE B 123 -16.91 -17.66 -21.65
N ALA B 124 -16.94 -16.36 -21.34
CA ALA B 124 -17.71 -15.32 -22.04
C ALA B 124 -17.15 -14.97 -23.43
N GLY B 125 -15.99 -15.54 -23.79
CA GLY B 125 -15.41 -15.34 -25.13
C GLY B 125 -14.44 -14.17 -25.20
N LEU B 126 -13.74 -13.87 -24.10
CA LEU B 126 -12.53 -13.04 -24.15
C LEU B 126 -11.36 -13.97 -24.46
N GLU B 127 -10.46 -13.55 -25.35
CA GLU B 127 -9.33 -14.42 -25.79
C GLU B 127 -8.16 -14.03 -24.92
N GLN B 128 -7.18 -14.94 -24.81
CA GLN B 128 -5.98 -14.73 -23.96
C GLN B 128 -5.36 -13.39 -24.32
N GLU B 129 -5.54 -12.93 -25.56
CA GLU B 129 -4.80 -11.75 -26.10
C GLU B 129 -5.46 -10.46 -25.60
N ASP B 130 -6.68 -10.56 -25.08
CA ASP B 130 -7.45 -9.45 -24.47
C ASP B 130 -7.29 -9.48 -22.94
N LEU B 131 -6.69 -10.55 -22.41
CA LEU B 131 -6.64 -10.84 -20.97
C LEU B 131 -5.22 -10.68 -20.42
N VAL B 132 -5.13 -10.01 -19.27
CA VAL B 132 -4.08 -10.16 -18.21
C VAL B 132 -4.75 -10.68 -16.92
N GLU B 133 -4.59 -11.97 -16.66
CA GLU B 133 -4.95 -12.60 -15.39
C GLU B 133 -3.81 -12.29 -14.45
N ALA B 134 -3.98 -11.22 -13.68
CA ALA B 134 -2.95 -10.53 -12.88
C ALA B 134 -2.57 -11.31 -11.64
N HIS B 135 -3.50 -12.10 -11.11
CA HIS B 135 -3.26 -12.99 -9.95
C HIS B 135 -3.37 -14.44 -10.38
N GLY B 136 -3.00 -14.69 -11.64
CA GLY B 136 -2.77 -16.01 -12.26
C GLY B 136 -4.02 -16.81 -12.54
N THR B 137 -3.92 -18.12 -12.39
CA THR B 137 -4.86 -19.11 -12.99
C THR B 137 -4.56 -20.51 -12.45
N PHE B 138 -5.64 -21.27 -12.27
CA PHE B 138 -5.63 -22.69 -11.86
C PHE B 138 -5.07 -23.54 -12.99
N TYR B 139 -5.25 -23.06 -14.24
CA TYR B 139 -5.01 -23.77 -15.52
C TYR B 139 -3.68 -24.53 -15.49
N THR B 140 -2.61 -23.89 -15.03
CA THR B 140 -1.27 -24.51 -14.90
C THR B 140 -0.94 -24.61 -13.41
N SER B 141 -0.06 -25.54 -13.07
CA SER B 141 0.45 -25.76 -11.71
C SER B 141 1.95 -26.03 -11.75
N HIS B 142 2.66 -25.58 -10.71
CA HIS B 142 4.13 -25.63 -10.65
C HIS B 142 4.57 -26.02 -9.23
N CYS B 143 5.40 -27.04 -9.14
CA CYS B 143 6.35 -27.24 -8.02
C CYS B 143 6.93 -25.87 -7.64
N VAL B 144 6.97 -25.59 -6.33
CA VAL B 144 7.31 -24.28 -5.72
C VAL B 144 8.83 -24.16 -5.48
N SER B 145 9.59 -25.26 -5.63
CA SER B 145 11.09 -25.25 -5.66
C SER B 145 11.59 -24.28 -6.74
N ALA B 146 12.65 -23.52 -6.44
CA ALA B 146 13.13 -22.35 -7.21
C ALA B 146 13.73 -22.81 -8.55
N SER B 147 14.56 -23.85 -8.55
CA SER B 147 15.21 -24.38 -9.77
C SER B 147 14.22 -25.24 -10.56
N CYS B 148 13.47 -26.07 -9.84
CA CYS B 148 12.66 -27.22 -10.36
C CYS B 148 11.47 -26.77 -11.24
N ARG B 149 10.37 -26.29 -10.63
CA ARG B 149 9.17 -25.73 -11.31
C ARG B 149 8.45 -26.74 -12.24
N HIS B 150 8.71 -28.05 -12.14
CA HIS B 150 8.07 -29.09 -13.01
C HIS B 150 6.59 -28.74 -13.19
N GLU B 151 6.10 -28.63 -14.43
CA GLU B 151 4.72 -28.16 -14.71
C GLU B 151 3.76 -29.34 -14.65
N TYR B 152 2.53 -29.12 -14.18
CA TYR B 152 1.44 -30.11 -14.30
C TYR B 152 0.20 -29.44 -14.89
N PRO B 153 -0.60 -30.19 -15.69
CA PRO B 153 -1.81 -29.64 -16.30
C PRO B 153 -2.93 -29.55 -15.26
N LEU B 154 -4.07 -29.00 -15.65
CA LEU B 154 -5.30 -29.01 -14.82
C LEU B 154 -5.65 -30.45 -14.41
N SER B 155 -5.74 -31.37 -15.38
CA SER B 155 -6.17 -32.80 -15.21
C SER B 155 -5.40 -33.50 -14.09
N TRP B 156 -4.22 -32.99 -13.74
CA TRP B 156 -3.24 -33.62 -12.82
C TRP B 156 -3.46 -33.11 -11.38
N MET B 157 -4.08 -31.94 -11.26
CA MET B 157 -4.17 -31.13 -10.00
C MET B 157 -5.35 -31.65 -9.18
N LYS B 158 -6.38 -32.05 -9.90
CA LYS B 158 -7.70 -32.49 -9.40
C LYS B 158 -7.54 -33.86 -8.74
N GLU B 159 -6.96 -34.83 -9.46
CA GLU B 159 -6.65 -36.19 -8.94
C GLU B 159 -6.12 -36.05 -7.51
N LYS B 160 -5.15 -35.14 -7.35
CA LYS B 160 -4.54 -34.76 -6.04
C LYS B 160 -5.59 -34.09 -5.15
N ILE B 161 -6.25 -33.04 -5.65
CA ILE B 161 -7.19 -32.20 -4.85
C ILE B 161 -8.28 -33.11 -4.29
N PHE B 162 -8.88 -33.88 -5.21
CA PHE B 162 -10.07 -34.72 -4.96
C PHE B 162 -9.62 -36.03 -4.35
N SER B 163 -8.46 -36.53 -4.76
CA SER B 163 -7.71 -37.55 -3.98
C SER B 163 -7.68 -37.10 -2.51
N GLU B 164 -7.78 -35.79 -2.26
CA GLU B 164 -7.54 -35.17 -0.94
C GLU B 164 -6.10 -35.57 -0.55
N VAL B 165 -5.20 -35.57 -1.53
CA VAL B 165 -3.72 -35.66 -1.34
C VAL B 165 -3.18 -34.24 -1.51
N THR B 166 -2.02 -33.95 -0.92
CA THR B 166 -1.21 -32.73 -1.11
C THR B 166 -0.20 -32.96 -2.24
N PRO B 167 -0.43 -32.39 -3.44
CA PRO B 167 0.51 -32.53 -4.57
C PRO B 167 1.98 -32.26 -4.24
N LYS B 168 2.86 -33.24 -4.53
CA LYS B 168 4.34 -33.17 -4.38
C LYS B 168 4.94 -33.59 -5.72
N CYS B 169 6.08 -33.03 -6.08
CA CYS B 169 6.70 -33.12 -7.42
C CYS B 169 7.35 -34.49 -7.62
N GLU B 170 6.68 -35.35 -8.40
CA GLU B 170 7.01 -36.78 -8.66
C GLU B 170 8.52 -36.94 -8.88
N ASP B 171 9.14 -35.87 -9.40
CA ASP B 171 10.62 -35.68 -9.53
C ASP B 171 11.21 -35.21 -8.20
N CYS B 172 11.27 -33.90 -7.95
CA CYS B 172 12.14 -33.31 -6.90
C CYS B 172 11.47 -33.43 -5.52
N GLN B 173 10.17 -33.71 -5.46
CA GLN B 173 9.40 -34.11 -4.24
C GLN B 173 8.89 -32.90 -3.44
N SER B 174 9.35 -31.69 -3.78
CA SER B 174 8.84 -30.42 -3.20
C SER B 174 7.36 -30.21 -3.54
N LEU B 175 6.79 -29.12 -3.02
CA LEU B 175 5.33 -28.85 -3.02
C LEU B 175 4.95 -28.22 -4.38
N VAL B 176 3.73 -28.50 -4.84
CA VAL B 176 3.26 -28.24 -6.24
C VAL B 176 1.90 -27.53 -6.16
N LYS B 177 1.66 -26.53 -7.00
CA LYS B 177 0.67 -25.47 -6.66
C LYS B 177 0.15 -24.81 -7.92
N PRO B 178 -1.13 -24.44 -7.91
CA PRO B 178 -1.70 -23.61 -8.97
C PRO B 178 -0.89 -22.32 -9.16
N ASP B 179 -0.87 -21.78 -10.38
CA ASP B 179 -0.16 -20.52 -10.76
C ASP B 179 -1.13 -19.39 -10.47
N ILE B 180 -1.96 -19.62 -9.48
CA ILE B 180 -2.61 -18.54 -8.69
C ILE B 180 -1.55 -17.90 -7.84
N VAL B 181 -1.56 -16.55 -7.77
CA VAL B 181 -0.58 -15.64 -7.10
C VAL B 181 -0.98 -15.45 -5.63
N PHE B 182 -0.13 -15.89 -4.71
CA PHE B 182 -0.33 -15.76 -3.26
C PHE B 182 0.21 -14.42 -2.79
N PHE B 183 -0.15 -13.99 -1.58
CA PHE B 183 0.65 -12.89 -0.97
C PHE B 183 2.09 -13.33 -0.83
N GLY B 184 3.00 -12.50 -1.30
CA GLY B 184 4.43 -12.74 -1.09
C GLY B 184 5.09 -13.15 -2.37
N GLU B 185 4.30 -13.45 -3.38
CA GLU B 185 4.77 -14.02 -4.66
C GLU B 185 4.71 -12.95 -5.76
N SER B 186 5.51 -13.16 -6.79
CA SER B 186 5.62 -12.35 -8.02
C SER B 186 4.41 -12.55 -8.92
N LEU B 187 4.02 -11.52 -9.67
CA LEU B 187 2.89 -11.66 -10.61
C LEU B 187 3.44 -12.18 -11.94
N PRO B 188 2.55 -12.68 -12.83
CA PRO B 188 2.92 -13.15 -14.17
C PRO B 188 3.79 -12.05 -14.82
N ALA B 189 4.62 -12.41 -15.79
CA ALA B 189 5.48 -11.47 -16.54
C ALA B 189 4.64 -10.61 -17.51
N ARG B 190 3.57 -11.19 -18.04
CA ARG B 190 2.52 -10.57 -18.90
C ARG B 190 1.94 -9.37 -18.17
N PHE B 191 1.73 -9.49 -16.85
CA PHE B 191 1.28 -8.34 -16.04
C PHE B 191 2.12 -7.13 -16.42
N PHE B 192 3.45 -7.25 -16.31
CA PHE B 192 4.39 -6.12 -16.37
C PHE B 192 4.60 -5.66 -17.79
N SER B 193 4.78 -6.60 -18.74
CA SER B 193 5.00 -6.28 -20.20
C SER B 193 3.78 -5.61 -20.82
N CYS B 194 2.57 -6.00 -20.46
CA CYS B 194 1.42 -5.31 -21.08
C CYS B 194 1.28 -3.95 -20.42
N MET B 195 1.52 -3.90 -19.10
CA MET B 195 1.24 -2.73 -18.24
C MET B 195 2.12 -1.58 -18.74
N GLN B 196 3.33 -1.92 -19.20
CA GLN B 196 4.36 -0.94 -19.63
C GLN B 196 3.91 -0.27 -20.93
N SER B 197 3.19 -0.96 -21.82
CA SER B 197 2.78 -0.37 -23.11
C SER B 197 1.29 0.10 -23.08
N ASP B 198 0.37 -0.56 -22.37
CA ASP B 198 -1.11 -0.48 -22.64
C ASP B 198 -1.72 0.85 -22.17
N PHE B 199 -1.05 1.54 -21.23
CA PHE B 199 -1.60 2.68 -20.43
C PHE B 199 -1.00 4.01 -20.84
N LEU B 200 -0.23 4.02 -21.90
CA LEU B 200 0.36 5.23 -22.53
C LEU B 200 -0.65 6.01 -23.38
N LYS B 201 -1.60 5.34 -24.06
CA LYS B 201 -2.55 5.92 -25.08
C LYS B 201 -3.98 5.42 -24.79
N VAL B 202 -4.30 5.16 -23.53
CA VAL B 202 -5.63 4.60 -23.17
C VAL B 202 -6.57 5.78 -22.92
N ASP B 203 -7.82 5.64 -23.42
CA ASP B 203 -8.79 6.76 -23.56
C ASP B 203 -9.80 6.70 -22.42
N LEU B 204 -10.21 5.48 -22.00
CA LEU B 204 -11.09 5.26 -20.83
C LEU B 204 -10.64 4.05 -19.98
N LEU B 205 -10.80 4.12 -18.64
CA LEU B 205 -10.57 3.00 -17.68
C LEU B 205 -11.92 2.60 -17.11
N LEU B 206 -12.31 1.34 -17.27
CA LEU B 206 -13.54 0.90 -16.60
C LEU B 206 -13.16 0.04 -15.40
N VAL B 207 -13.48 0.51 -14.16
CA VAL B 207 -13.13 -0.16 -12.86
C VAL B 207 -14.39 -0.84 -12.29
N MET B 208 -14.43 -2.16 -12.13
CA MET B 208 -15.67 -2.94 -11.96
C MET B 208 -15.46 -4.04 -10.91
N GLY B 209 -16.04 -3.94 -9.70
CA GLY B 209 -16.09 -5.08 -8.76
C GLY B 209 -14.79 -5.30 -8.00
N THR B 210 -14.15 -4.23 -7.58
CA THR B 210 -12.91 -4.30 -6.78
C THR B 210 -12.91 -3.23 -5.69
N SER B 211 -12.23 -3.52 -4.59
CA SER B 211 -12.11 -2.68 -3.36
C SER B 211 -10.81 -1.89 -3.45
N LEU B 212 -10.06 -2.20 -4.52
CA LEU B 212 -8.64 -1.89 -4.81
C LEU B 212 -7.82 -1.97 -3.54
N GLN B 213 -8.01 -3.04 -2.77
CA GLN B 213 -7.26 -3.19 -1.51
C GLN B 213 -5.92 -3.88 -1.78
N VAL B 214 -5.52 -4.18 -3.02
CA VAL B 214 -4.26 -4.96 -3.15
C VAL B 214 -3.32 -4.36 -4.19
N GLN B 215 -2.05 -4.37 -3.81
CA GLN B 215 -0.91 -3.95 -4.63
C GLN B 215 -0.27 -5.21 -5.15
N PRO B 216 0.27 -5.14 -6.38
CA PRO B 216 0.24 -3.87 -7.15
C PRO B 216 -0.95 -3.47 -8.04
N PHE B 217 -2.04 -4.20 -8.05
CA PHE B 217 -3.20 -3.86 -8.91
C PHE B 217 -3.72 -2.42 -8.69
N ALA B 218 -3.82 -1.93 -7.47
CA ALA B 218 -4.40 -0.61 -7.11
C ALA B 218 -3.68 0.56 -7.85
N SER B 219 -2.39 0.40 -8.06
CA SER B 219 -1.45 1.32 -8.72
C SER B 219 -1.78 1.49 -10.20
N LEU B 220 -2.52 0.58 -10.82
CA LEU B 220 -2.86 0.70 -12.26
C LEU B 220 -3.61 2.00 -12.54
N ILE B 221 -4.57 2.43 -11.72
CA ILE B 221 -5.41 3.60 -12.11
C ILE B 221 -4.52 4.85 -12.17
N SER B 222 -3.38 4.85 -11.50
CA SER B 222 -2.41 5.96 -11.58
C SER B 222 -1.54 5.83 -12.85
N LYS B 223 -1.66 4.78 -13.67
CA LYS B 223 -0.73 4.54 -14.81
C LYS B 223 -1.29 5.14 -16.10
N ALA B 224 -2.57 5.51 -16.08
CA ALA B 224 -3.27 6.28 -17.12
C ALA B 224 -2.75 7.71 -17.10
N PRO B 225 -2.76 8.42 -18.25
CA PRO B 225 -2.34 9.81 -18.28
C PRO B 225 -3.48 10.61 -17.64
N LEU B 226 -3.16 11.82 -17.19
CA LEU B 226 -4.03 12.57 -16.24
C LEU B 226 -5.37 12.90 -16.87
N SER B 227 -5.44 12.88 -18.20
CA SER B 227 -6.62 13.28 -19.00
C SER B 227 -7.63 12.13 -19.14
N THR B 228 -7.23 10.88 -18.89
CA THR B 228 -8.11 9.70 -19.16
C THR B 228 -9.23 9.64 -18.12
N PRO B 229 -10.49 9.81 -18.55
CA PRO B 229 -11.61 9.62 -17.65
C PRO B 229 -11.48 8.20 -17.09
N ARG B 230 -12.11 7.96 -15.93
CA ARG B 230 -12.19 6.59 -15.35
C ARG B 230 -13.50 6.48 -14.57
N LEU B 231 -14.35 5.58 -15.01
CA LEU B 231 -15.66 5.29 -14.40
C LEU B 231 -15.49 4.11 -13.46
N LEU B 232 -16.13 4.12 -12.28
CA LEU B 232 -16.20 2.97 -11.36
C LEU B 232 -17.62 2.42 -11.38
N ILE B 233 -17.83 1.12 -11.61
CA ILE B 233 -19.15 0.46 -11.42
C ILE B 233 -19.07 -0.59 -10.30
N ASN B 234 -19.71 -0.31 -9.16
CA ASN B 234 -19.41 -0.99 -7.86
C ASN B 234 -20.45 -0.66 -6.78
N LYS B 235 -20.71 -1.55 -5.82
CA LYS B 235 -21.72 -1.30 -4.73
C LYS B 235 -21.31 -0.06 -3.93
N GLU B 236 -20.03 0.04 -3.60
CA GLU B 236 -19.46 1.13 -2.77
C GLU B 236 -18.43 1.85 -3.62
N LYS B 237 -18.08 3.07 -3.25
CA LYS B 237 -16.90 3.83 -3.76
C LYS B 237 -15.61 3.20 -3.25
N ALA B 238 -14.62 3.09 -4.13
CA ALA B 238 -13.31 2.47 -3.88
C ALA B 238 -12.25 3.41 -4.42
N GLY B 239 -11.17 3.57 -3.67
CA GLY B 239 -9.95 4.25 -4.12
C GLY B 239 -9.99 5.73 -3.76
N GLN B 240 -11.18 6.22 -3.39
CA GLN B 240 -11.34 7.50 -2.67
C GLN B 240 -11.44 7.21 -1.17
N SER B 241 -10.39 7.53 -0.44
CA SER B 241 -10.45 7.82 1.01
C SER B 241 -9.65 9.10 1.26
N ASP B 242 -9.87 9.71 2.41
CA ASP B 242 -8.84 10.58 3.03
C ASP B 242 -7.68 9.66 3.38
N PRO B 243 -6.46 10.24 3.43
CA PRO B 243 -5.25 9.53 3.83
C PRO B 243 -5.07 9.11 5.28
N PHE B 244 -5.08 7.79 5.51
CA PHE B 244 -4.90 7.17 6.84
C PHE B 244 -3.65 6.27 6.89
N LEU B 245 -3.07 6.10 8.08
CA LEU B 245 -1.98 5.11 8.27
C LEU B 245 -2.45 3.71 7.85
N GLY B 246 -1.68 3.04 7.00
CA GLY B 246 -1.99 1.71 6.47
C GLY B 246 -2.76 1.71 5.14
N MET B 247 -3.20 2.86 4.59
CA MET B 247 -3.95 2.83 3.29
C MET B 247 -3.15 2.01 2.25
N ILE B 248 -3.83 1.44 1.27
CA ILE B 248 -3.21 0.59 0.22
C ILE B 248 -2.61 1.45 -0.90
N MET B 249 -3.43 2.33 -1.48
CA MET B 249 -3.10 3.42 -2.44
C MET B 249 -1.86 4.20 -2.00
N GLY B 250 -0.96 4.51 -2.92
CA GLY B 250 0.01 5.59 -2.77
C GLY B 250 -0.73 6.90 -2.72
N LEU B 251 -0.07 7.95 -2.26
CA LEU B 251 -0.70 9.24 -1.92
C LEU B 251 -1.01 9.95 -3.26
N GLY B 252 -2.25 10.43 -3.41
CA GLY B 252 -2.74 11.12 -4.61
C GLY B 252 -2.89 10.17 -5.80
N GLY B 253 -2.70 8.87 -5.55
CA GLY B 253 -2.83 7.81 -6.56
C GLY B 253 -4.23 7.24 -6.56
N GLY B 254 -5.17 7.84 -5.84
CA GLY B 254 -6.54 7.28 -5.74
C GLY B 254 -7.44 7.93 -6.74
N MET B 255 -8.74 7.64 -6.61
CA MET B 255 -9.82 8.33 -7.35
C MET B 255 -10.09 9.70 -6.72
N ASP B 256 -10.82 10.54 -7.46
CA ASP B 256 -11.44 11.79 -6.96
C ASP B 256 -12.77 11.97 -7.68
N PHE B 257 -13.86 11.42 -7.12
CA PHE B 257 -15.23 11.74 -7.57
C PHE B 257 -15.64 13.13 -7.05
N ASP B 258 -15.66 13.35 -5.73
CA ASP B 258 -16.54 14.31 -5.00
C ASP B 258 -15.84 15.64 -4.69
N SER B 259 -14.51 15.65 -4.58
CA SER B 259 -13.72 16.86 -4.22
C SER B 259 -14.05 18.01 -5.20
N LYS B 260 -14.02 19.26 -4.73
CA LYS B 260 -14.30 20.49 -5.54
C LYS B 260 -13.24 20.71 -6.62
N LYS B 261 -12.29 19.77 -6.79
CA LYS B 261 -11.32 19.73 -7.91
C LYS B 261 -11.67 18.66 -8.94
N ALA B 262 -12.55 17.72 -8.58
CA ALA B 262 -12.86 16.44 -9.27
C ALA B 262 -13.44 16.65 -10.68
N TYR B 263 -12.76 16.12 -11.71
CA TYR B 263 -12.91 16.53 -13.13
C TYR B 263 -13.21 15.34 -14.06
N ARG B 264 -12.82 14.10 -13.72
CA ARG B 264 -12.71 12.99 -14.70
C ARG B 264 -13.09 11.62 -14.12
N ASP B 265 -13.66 11.56 -12.91
CA ASP B 265 -13.81 10.28 -12.17
C ASP B 265 -15.28 10.06 -11.83
N VAL B 266 -15.77 8.84 -12.00
CA VAL B 266 -17.24 8.67 -12.04
C VAL B 266 -17.68 7.38 -11.37
N ALA B 267 -18.52 7.57 -10.34
CA ALA B 267 -18.98 6.54 -9.40
C ALA B 267 -20.45 6.28 -9.68
N TRP B 268 -20.73 5.22 -10.41
CA TRP B 268 -22.09 4.66 -10.49
C TRP B 268 -22.22 3.53 -9.48
N LEU B 269 -22.96 3.79 -8.40
CA LEU B 269 -23.10 2.85 -7.26
C LEU B 269 -24.35 2.00 -7.47
N GLY B 270 -24.28 0.73 -7.10
CA GLY B 270 -25.30 -0.29 -7.46
C GLY B 270 -24.63 -1.55 -7.97
N GLU B 271 -25.39 -2.51 -8.49
CA GLU B 271 -24.82 -3.81 -8.96
C GLU B 271 -24.06 -3.58 -10.26
N CYS B 272 -23.17 -4.55 -10.60
CA CYS B 272 -22.20 -4.47 -11.72
C CYS B 272 -22.92 -4.73 -13.05
N ASP B 273 -23.66 -5.83 -13.12
CA ASP B 273 -24.65 -6.19 -14.15
C ASP B 273 -25.62 -5.04 -14.43
N GLN B 274 -26.23 -4.46 -13.40
CA GLN B 274 -27.31 -3.46 -13.59
C GLN B 274 -26.69 -2.16 -14.13
N GLY B 275 -25.48 -1.77 -13.70
CA GLY B 275 -24.86 -0.54 -14.24
C GLY B 275 -24.21 -0.76 -15.61
N CYS B 276 -24.07 -2.04 -16.01
CA CYS B 276 -23.65 -2.40 -17.40
C CYS B 276 -24.91 -2.40 -18.31
N LEU B 277 -26.09 -2.86 -17.88
CA LEU B 277 -27.33 -2.66 -18.72
C LEU B 277 -27.60 -1.15 -18.91
N ALA B 278 -27.47 -0.36 -17.84
CA ALA B 278 -27.63 1.11 -17.85
C ALA B 278 -26.72 1.76 -18.90
N LEU B 279 -25.46 1.34 -18.92
CA LEU B 279 -24.41 1.93 -19.81
C LEU B 279 -24.73 1.67 -21.29
N ALA B 280 -25.11 0.43 -21.64
CA ALA B 280 -25.41 -0.10 -22.99
C ALA B 280 -26.66 0.58 -23.59
N GLU B 281 -27.76 0.63 -22.84
CA GLU B 281 -28.95 1.49 -23.08
C GLU B 281 -28.49 2.80 -23.75
N LEU B 282 -27.74 3.64 -23.04
CA LEU B 282 -27.28 4.97 -23.55
C LEU B 282 -26.61 4.79 -24.90
N LEU B 283 -25.59 3.92 -24.94
CA LEU B 283 -24.79 3.66 -26.15
C LEU B 283 -25.67 3.10 -27.27
N GLY B 284 -26.72 2.34 -26.94
CA GLY B 284 -27.77 1.86 -27.86
C GLY B 284 -27.83 0.34 -27.92
N TRP B 285 -27.11 -0.33 -27.03
CA TRP B 285 -26.69 -1.75 -27.24
C TRP B 285 -27.44 -2.72 -26.34
N LYS B 286 -28.59 -2.36 -25.75
CA LYS B 286 -29.16 -3.15 -24.63
C LYS B 286 -29.88 -4.38 -25.20
N LYS B 287 -30.41 -4.27 -26.43
CA LYS B 287 -31.03 -5.40 -27.16
C LYS B 287 -29.95 -6.46 -27.39
N GLU B 288 -28.73 -6.00 -27.70
CA GLU B 288 -27.62 -6.87 -28.17
C GLU B 288 -27.01 -7.65 -27.00
N LEU B 289 -26.83 -7.00 -25.85
CA LEU B 289 -26.41 -7.65 -24.57
C LEU B 289 -27.37 -8.79 -24.22
N GLU B 290 -28.68 -8.50 -24.24
CA GLU B 290 -29.75 -9.41 -23.72
C GLU B 290 -29.79 -10.65 -24.62
N ASP B 291 -29.49 -10.48 -25.91
CA ASP B 291 -29.52 -11.54 -26.95
C ASP B 291 -28.23 -12.35 -26.83
N LEU B 292 -27.10 -11.68 -26.62
CA LEU B 292 -25.79 -12.32 -26.33
C LEU B 292 -25.85 -13.23 -25.10
N VAL B 293 -26.60 -12.88 -24.04
CA VAL B 293 -26.49 -13.61 -22.73
C VAL B 293 -27.44 -14.81 -22.75
N ARG B 294 -28.71 -14.57 -23.10
CA ARG B 294 -29.77 -15.58 -23.37
C ARG B 294 -29.17 -16.65 -24.30
N ARG B 295 -28.63 -16.20 -25.43
CA ARG B 295 -27.98 -17.12 -26.41
C ARG B 295 -26.82 -17.81 -25.69
N GLU B 296 -25.98 -17.04 -24.99
CA GLU B 296 -24.75 -17.61 -24.40
C GLU B 296 -25.14 -18.57 -23.26
N HIS B 297 -25.98 -18.12 -22.32
CA HIS B 297 -26.38 -18.91 -21.11
C HIS B 297 -26.99 -20.25 -21.53
N ALA B 298 -27.88 -20.21 -22.55
CA ALA B 298 -28.63 -21.36 -23.10
C ALA B 298 -27.71 -22.37 -23.81
N SER B 299 -26.59 -21.89 -24.41
CA SER B 299 -25.53 -22.70 -25.06
C SER B 299 -24.84 -23.58 -24.01
N ILE B 300 -24.52 -22.96 -22.88
CA ILE B 300 -23.90 -23.61 -21.68
C ILE B 300 -24.91 -24.61 -21.08
N ASP B 301 -26.16 -24.15 -20.86
CA ASP B 301 -27.30 -24.95 -20.33
C ASP B 301 -27.53 -26.15 -21.28
N ALA B 302 -27.32 -25.93 -22.58
CA ALA B 302 -27.35 -26.94 -23.68
C ALA B 302 -26.07 -27.77 -23.71
N GLN B 303 -24.96 -27.28 -23.13
CA GLN B 303 -23.74 -28.08 -22.79
C GLN B 303 -23.52 -29.20 -23.80
ZN ZN C . -16.25 12.17 24.03
N1 AR6 D . 21.26 2.57 12.09
C2 AR6 D . 20.68 2.38 10.90
N3 AR6 D . 19.55 1.75 10.61
C4 AR6 D . 19.02 1.21 11.71
C5 AR6 D . 19.52 1.26 12.99
C6 AR6 D . 20.72 1.99 13.19
N6 AR6 D . 21.29 2.21 14.40
N7 AR6 D . 18.70 0.55 13.87
C8 AR6 D . 17.71 0.11 13.11
N9 AR6 D . 17.88 0.44 11.78
PA AR6 D . 11.05 -0.13 11.41
PB AR6 D . 9.70 2.57 10.99
C1' AR6 D . 16.97 0.20 10.62
O1A AR6 D . 10.02 -0.72 10.53
O1B AR6 D . 10.18 3.76 11.71
C1D AR6 D . 5.08 1.45 12.92
O1D AR6 D . 3.85 0.86 13.05
C2' AR6 D . 16.30 -1.15 10.52
O2' AR6 D . 17.19 -2.02 9.87
O2A AR6 D . 11.42 -0.75 12.71
O2B AR6 D . 10.04 2.30 9.57
C2D AR6 D . 4.80 2.85 13.43
O2D AR6 D . 3.53 3.33 12.98
C3' AR6 D . 15.06 -0.85 9.66
O3' AR6 D . 15.16 -1.09 8.25
O3A AR6 D . 10.58 1.40 11.73
C3D AR6 D . 6.02 3.55 12.84
O3D AR6 D . 5.93 4.97 12.92
C4' AR6 D . 14.70 0.55 10.14
O4' AR6 D . 15.91 1.10 10.77
C4D AR6 D . 5.93 3.00 11.44
O4D AR6 D . 5.47 1.61 11.63
C5' AR6 D . 13.58 0.61 11.16
O5' AR6 D . 12.33 0.19 10.54
C5D AR6 D . 7.19 2.99 10.62
O5D AR6 D . 8.16 2.13 11.23
C1 QUE E . -6.80 -6.19 8.88
C2 QUE E . -5.72 -6.90 9.38
C3 QUE E . -4.72 -7.42 8.50
C4 QUE E . -4.89 -7.18 7.13
C5 QUE E . -5.99 -6.48 6.61
C6 QUE E . -6.93 -5.98 7.50
C9 QUE E . -3.50 -8.18 8.94
C10 QUE E . -2.58 -8.58 7.90
C11 QUE E . -2.83 -8.31 6.59
C14 QUE E . -1.91 -8.72 5.53
C15 QUE E . -1.13 -7.79 4.82
C16 QUE E . -0.22 -8.23 3.85
C17 QUE E . -0.03 -9.57 3.62
C18 QUE E . -0.79 -10.51 4.35
C19 QUE E . -1.68 -10.08 5.31
O12 QUE E . -3.97 -7.63 6.21
O13 QUE E . -3.21 -8.48 10.12
O23 QUE E . -0.66 -11.86 4.23
O24 QUE E . 0.90 -9.96 2.69
O27 QUE E . -1.47 -9.27 8.31
O29 QUE E . -8.03 -5.29 7.09
O30 QUE E . -5.62 -7.04 10.72
ZN ZN F . 9.74 -30.29 -8.21
N1 AR6 G . -22.07 -5.82 -7.70
C2 AR6 G . -21.25 -4.78 -7.50
N3 AR6 G . -20.23 -4.66 -6.66
C4 AR6 G . -20.03 -5.82 -6.00
C5 AR6 G . -20.76 -6.97 -6.10
C6 AR6 G . -21.82 -6.98 -7.01
N6 AR6 G . -22.57 -8.05 -7.23
N7 AR6 G . -20.25 -7.97 -5.24
C8 AR6 G . -19.24 -7.40 -4.64
N9 AR6 G . -19.10 -6.07 -5.04
PA AR6 G . -13.04 -7.60 -2.74
PB AR6 G . -11.02 -7.78 -5.02
C1' AR6 G . -18.06 -5.21 -4.63
O1A AR6 G . -12.08 -6.71 -2.05
O1B AR6 G . -11.13 -8.39 -6.34
C1D AR6 G . -7.57 -10.97 -2.52
O1D AR6 G . -6.70 -10.91 -1.40
C2' AR6 G . -17.80 -5.14 -3.13
O2' AR6 G . -18.47 -4.02 -2.57
O2A AR6 G . -13.71 -8.85 -2.28
O2B AR6 G . -10.85 -6.30 -5.20
C2D AR6 G . -7.25 -11.72 -3.83
O2D AR6 G . -5.92 -11.89 -4.21
C3' AR6 G . -16.28 -4.89 -3.10
O3' AR6 G . -16.03 -3.50 -3.10
O3A AR6 G . -12.27 -8.11 -4.06
C3D AR6 G . -7.97 -10.92 -4.92
O3D AR6 G . -7.45 -10.86 -6.27
C4' AR6 G . -15.79 -5.51 -4.40
O4' AR6 G . -16.94 -5.80 -5.22
C4D AR6 G . -7.71 -9.54 -4.39
O4D AR6 G . -7.85 -9.61 -2.97
C5' AR6 G . -14.97 -6.77 -4.32
O5' AR6 G . -14.18 -6.57 -3.18
C5D AR6 G . -8.61 -8.47 -4.94
O5D AR6 G . -9.82 -8.46 -4.17
#